data_1H4Q
#
_entry.id   1H4Q
#
_cell.length_a   141.290
_cell.length_b   141.290
_cell.length_c   237.560
_cell.angle_alpha   90.00
_cell.angle_beta   90.00
_cell.angle_gamma   90.00
#
_symmetry.space_group_name_H-M   'P 43 21 2'
#
loop_
_entity.id
_entity.type
_entity.pdbx_description
1 polymer 'PROLYL-TRNA SYNTHETASE'
2 polymer TRNAPRO(CGG)
3 non-polymer "ADENOSINE-5'-TRIPHOSPHATE"
4 non-polymer 'ZINC ION'
5 non-polymer PYRROLIDINE-2-CARBALDEHYDE
6 non-polymer 'SULFATE ION'
7 water water
#
loop_
_entity_poly.entity_id
_entity_poly.type
_entity_poly.pdbx_seq_one_letter_code
_entity_poly.pdbx_strand_id
1 'polypeptide(L)'
;MAKEKGLTPQSQDFSEWYLEVIQKAELADYGPVRGTIVVRPYGYAIWENIQQVLDRMFKETGHQNAYFPLFIPMSFLRKE
AEHVEGFSPELAVVTHAGGEELEEPLAVRPTSETVIGYMWSKWIRSWRDLPQLLNQWGNVVRWEMRTRPFLRTSEFLWQE
GHTAHATREEAEEEVRRMLSIYARLAREYAAIPVIEGLKTEKEKFAGAVYTTTIEALMKDGKALQAGTSHYLGENFARAF
DIKFQDRDLQVKYVHTTSWGLSWRFIGAIIMTHGDDRGLVLPPRLAPIQVVIVPIYKDESRERVLEAAQGLRQALLAQGL
RVHLDDRDQHTPGYKFHEWELKGVPFRVELGPKDLEGGQAVLASRLGGKETLPLAALPEALPGKLDAFHEELYRRALAFR
EDHTRKVDTYEAFKEAVQEGFALAFHCGDKACERLIQEETTATTRCVPFEAEPEEGFCVRCGRPSAYGKRVVFAKAY
;
A,B
2 'polyribonucleotide'
;CGGGGAGUAGCGCAGCCCGGUAGCGCACCUCGUUCGGGACGAGGGGGGCGCUGG(5MU)(PSU)CAGAUCCAGUCUCCCC
GACCA
;
T
#
# COMPACT_ATOMS: atom_id res chain seq x y z
N LYS A 5 8.44 22.97 27.67
CA LYS A 5 8.92 22.55 26.32
C LYS A 5 10.43 22.35 26.34
N GLY A 6 10.87 21.16 25.92
CA GLY A 6 12.30 20.87 25.90
C GLY A 6 12.79 20.21 24.63
N LEU A 7 12.66 20.91 23.51
CA LEU A 7 13.10 20.38 22.23
C LEU A 7 14.55 20.82 21.99
N THR A 8 15.50 19.91 22.17
CA THR A 8 16.91 20.25 21.98
C THR A 8 17.09 21.04 20.69
N PRO A 9 17.73 22.21 20.78
CA PRO A 9 17.94 23.00 19.56
C PRO A 9 18.88 22.31 18.57
N GLN A 10 18.65 22.57 17.29
CA GLN A 10 19.46 21.97 16.24
C GLN A 10 20.96 22.25 16.38
N SER A 11 21.30 23.48 16.74
CA SER A 11 22.71 23.86 16.89
C SER A 11 23.41 23.16 18.05
N GLN A 12 22.65 22.75 19.07
CA GLN A 12 23.24 22.06 20.20
C GLN A 12 23.55 20.62 19.83
N ASP A 13 22.55 19.91 19.33
CA ASP A 13 22.73 18.52 18.93
C ASP A 13 21.64 18.08 17.93
N PHE A 14 21.94 18.24 16.64
CA PHE A 14 21.01 17.90 15.56
C PHE A 14 20.42 16.50 15.69
N SER A 15 21.27 15.51 15.93
CA SER A 15 20.81 14.14 16.07
C SER A 15 19.73 14.03 17.11
N GLU A 16 19.94 14.67 18.25
CA GLU A 16 18.94 14.63 19.31
C GLU A 16 17.70 15.39 18.88
N TRP A 17 17.90 16.53 18.22
CA TRP A 17 16.77 17.30 17.74
C TRP A 17 15.89 16.38 16.89
N TYR A 18 16.52 15.76 15.90
CA TYR A 18 15.83 14.84 15.01
C TYR A 18 15.04 13.80 15.79
N LEU A 19 15.74 12.95 16.53
CA LEU A 19 15.11 11.89 17.31
C LEU A 19 13.93 12.33 18.18
N GLU A 20 14.07 13.48 18.85
CA GLU A 20 13.03 14.00 19.73
C GLU A 20 11.82 14.54 18.97
N VAL A 21 12.08 15.31 17.92
CA VAL A 21 10.98 15.87 17.14
C VAL A 21 10.13 14.74 16.55
N ILE A 22 10.77 13.63 16.24
CA ILE A 22 10.07 12.49 15.68
C ILE A 22 9.18 11.90 16.76
N GLN A 23 9.72 11.83 17.97
CA GLN A 23 9.00 11.28 19.11
C GLN A 23 7.86 12.21 19.52
N LYS A 24 8.19 13.48 19.73
CA LYS A 24 7.19 14.43 20.16
C LYS A 24 6.07 14.76 19.18
N ALA A 25 6.37 14.75 17.88
CA ALA A 25 5.37 15.04 16.87
C ALA A 25 4.57 13.77 16.57
N GLU A 26 4.97 12.68 17.23
CA GLU A 26 4.32 11.39 17.07
C GLU A 26 4.34 10.86 15.65
N LEU A 27 5.48 11.04 14.97
CA LEU A 27 5.65 10.57 13.61
C LEU A 27 5.89 9.07 13.69
N ALA A 28 6.74 8.68 14.62
CA ALA A 28 7.05 7.26 14.81
C ALA A 28 7.50 6.95 16.23
N ASP A 29 7.64 5.66 16.51
CA ASP A 29 8.09 5.19 17.81
C ASP A 29 8.97 3.98 17.53
N TYR A 30 9.73 3.53 18.52
CA TYR A 30 10.59 2.39 18.31
C TYR A 30 9.89 1.05 18.53
N GLY A 31 10.18 0.09 17.67
CA GLY A 31 9.56 -1.22 17.79
C GLY A 31 10.37 -2.09 18.72
N PRO A 32 9.79 -3.17 19.26
CA PRO A 32 10.52 -4.05 20.18
C PRO A 32 11.76 -4.71 19.60
N VAL A 33 11.82 -4.84 18.28
CA VAL A 33 12.98 -5.45 17.67
C VAL A 33 13.98 -4.37 17.24
N ARG A 34 15.25 -4.57 17.60
CA ARG A 34 16.30 -3.62 17.27
C ARG A 34 16.32 -3.27 15.79
N GLY A 35 16.44 -1.98 15.50
CA GLY A 35 16.49 -1.51 14.13
C GLY A 35 15.12 -1.31 13.51
N THR A 36 14.06 -1.70 14.21
CA THR A 36 12.72 -1.55 13.68
C THR A 36 11.91 -0.45 14.36
N ILE A 37 11.08 0.24 13.58
CA ILE A 37 10.27 1.32 14.12
C ILE A 37 8.78 1.11 13.86
N VAL A 38 7.97 1.95 14.48
CA VAL A 38 6.54 1.90 14.29
C VAL A 38 6.15 3.25 13.76
N VAL A 39 5.50 3.28 12.60
CA VAL A 39 5.10 4.55 12.02
C VAL A 39 3.71 4.85 12.49
N ARG A 40 3.59 5.88 13.33
CA ARG A 40 2.30 6.28 13.88
C ARG A 40 1.50 7.02 12.81
N PRO A 41 0.17 7.07 12.96
CA PRO A 41 -0.71 7.74 12.01
C PRO A 41 -0.20 9.02 11.34
N TYR A 42 0.09 10.06 12.13
CA TYR A 42 0.55 11.32 11.57
C TYR A 42 1.74 11.14 10.64
N GLY A 43 2.68 10.29 11.04
CA GLY A 43 3.84 10.06 10.21
C GLY A 43 3.48 9.29 8.96
N TYR A 44 2.62 8.27 9.12
CA TYR A 44 2.20 7.44 8.00
C TYR A 44 1.35 8.25 7.02
N ALA A 45 0.64 9.25 7.53
CA ALA A 45 -0.18 10.10 6.68
C ALA A 45 0.74 10.74 5.64
N ILE A 46 1.94 11.14 6.07
CA ILE A 46 2.89 11.75 5.18
C ILE A 46 3.27 10.75 4.09
N TRP A 47 3.59 9.52 4.50
CA TRP A 47 3.97 8.50 3.55
C TRP A 47 2.89 8.26 2.51
N GLU A 48 1.63 8.31 2.94
CA GLU A 48 0.53 8.10 2.04
C GLU A 48 0.45 9.19 0.98
N ASN A 49 0.65 10.43 1.38
CA ASN A 49 0.59 11.52 0.41
C ASN A 49 1.69 11.33 -0.63
N ILE A 50 2.86 10.89 -0.18
CA ILE A 50 3.97 10.66 -1.09
C ILE A 50 3.59 9.57 -2.07
N GLN A 51 2.97 8.48 -1.57
CA GLN A 51 2.54 7.40 -2.44
C GLN A 51 1.59 7.95 -3.48
N GLN A 52 0.56 8.65 -3.01
CA GLN A 52 -0.42 9.22 -3.91
C GLN A 52 0.20 10.01 -5.05
N VAL A 53 1.12 10.91 -4.73
CA VAL A 53 1.74 11.71 -5.76
C VAL A 53 2.56 10.86 -6.71
N LEU A 54 3.51 10.09 -6.16
CA LEU A 54 4.35 9.25 -6.99
C LEU A 54 3.58 8.30 -7.86
N ASP A 55 2.50 7.73 -7.34
CA ASP A 55 1.72 6.77 -8.10
C ASP A 55 1.01 7.42 -9.28
N ARG A 56 0.44 8.60 -9.08
CA ARG A 56 -0.22 9.29 -10.18
C ARG A 56 0.85 9.54 -11.25
N MET A 57 2.05 9.92 -10.84
CA MET A 57 3.13 10.18 -11.79
C MET A 57 3.61 8.90 -12.49
N PHE A 58 3.64 7.80 -11.76
CA PHE A 58 4.07 6.54 -12.36
C PHE A 58 3.03 6.12 -13.38
N LYS A 59 1.77 6.26 -12.99
CA LYS A 59 0.66 5.88 -13.83
C LYS A 59 0.60 6.65 -15.14
N GLU A 60 0.76 7.97 -15.07
CA GLU A 60 0.72 8.81 -16.26
C GLU A 60 1.87 8.48 -17.19
N THR A 61 2.84 7.70 -16.72
CA THR A 61 3.97 7.33 -17.55
C THR A 61 3.93 5.83 -17.88
N GLY A 62 2.72 5.29 -17.88
CA GLY A 62 2.51 3.90 -18.23
C GLY A 62 3.03 2.80 -17.38
N HIS A 63 3.19 3.02 -16.08
CA HIS A 63 3.67 1.92 -15.26
C HIS A 63 2.47 1.25 -14.64
N GLN A 64 2.67 0.05 -14.12
CA GLN A 64 1.59 -0.70 -13.49
C GLN A 64 2.11 -1.37 -12.23
N ASN A 65 1.36 -1.27 -11.15
CA ASN A 65 1.79 -1.89 -9.91
C ASN A 65 1.53 -3.38 -9.94
N ALA A 66 2.41 -4.12 -9.30
CA ALA A 66 2.29 -5.56 -9.20
C ALA A 66 2.85 -5.88 -7.84
N TYR A 67 2.83 -7.15 -7.45
CA TYR A 67 3.38 -7.52 -6.17
C TYR A 67 4.12 -8.84 -6.22
N PHE A 68 5.43 -8.77 -6.01
CA PHE A 68 6.27 -9.95 -6.01
C PHE A 68 6.53 -10.38 -4.58
N PRO A 69 6.91 -11.66 -4.38
CA PRO A 69 7.21 -12.31 -3.10
C PRO A 69 8.22 -11.65 -2.19
N LEU A 70 7.96 -11.78 -0.89
CA LEU A 70 8.80 -11.26 0.17
C LEU A 70 10.05 -12.12 0.31
N PHE A 71 9.85 -13.43 0.16
CA PHE A 71 10.91 -14.43 0.26
C PHE A 71 11.64 -14.71 -1.05
N ILE A 72 12.96 -14.63 -1.00
CA ILE A 72 13.79 -14.88 -2.17
C ILE A 72 14.74 -16.05 -1.93
N PRO A 73 14.88 -16.95 -2.92
CA PRO A 73 15.78 -18.09 -2.78
C PRO A 73 17.19 -17.56 -2.57
N MET A 74 17.85 -18.03 -1.51
CA MET A 74 19.20 -17.58 -1.21
C MET A 74 20.11 -17.66 -2.43
N SER A 75 20.03 -18.77 -3.17
CA SER A 75 20.86 -18.96 -4.36
C SER A 75 20.78 -17.78 -5.33
N PHE A 76 19.61 -17.14 -5.40
CA PHE A 76 19.41 -15.99 -6.28
C PHE A 76 20.37 -14.88 -5.85
N LEU A 77 20.51 -14.70 -4.54
CA LEU A 77 21.39 -13.69 -4.02
C LEU A 77 22.86 -14.14 -4.04
N ARG A 78 23.09 -15.46 -4.11
CA ARG A 78 24.49 -15.95 -4.20
C ARG A 78 24.78 -16.03 -5.71
N PHE A 87 25.87 -15.78 5.46
CA PHE A 87 24.91 -15.09 4.61
C PHE A 87 25.15 -13.60 4.71
N SER A 88 25.26 -12.93 3.56
CA SER A 88 25.52 -11.49 3.52
C SER A 88 24.95 -10.77 4.74
N PRO A 89 25.75 -9.90 5.37
CA PRO A 89 25.30 -9.16 6.55
C PRO A 89 23.92 -8.52 6.47
N GLU A 90 23.70 -7.60 5.54
CA GLU A 90 22.38 -6.96 5.49
C GLU A 90 21.15 -7.82 5.30
N LEU A 91 21.29 -9.14 5.26
CA LEU A 91 20.14 -10.01 5.06
C LEU A 91 19.56 -10.67 6.31
N ALA A 92 18.24 -10.81 6.34
CA ALA A 92 17.57 -11.49 7.43
C ALA A 92 17.26 -12.82 6.77
N VAL A 93 17.54 -13.92 7.43
CA VAL A 93 17.31 -15.21 6.82
C VAL A 93 16.37 -16.15 7.54
N VAL A 94 15.41 -16.69 6.79
CA VAL A 94 14.46 -17.65 7.32
C VAL A 94 15.12 -18.99 7.07
N THR A 95 15.22 -19.80 8.10
CA THR A 95 15.86 -21.11 7.99
C THR A 95 14.87 -22.16 8.47
N HIS A 96 14.02 -21.74 9.39
CA HIS A 96 13.00 -22.60 9.97
C HIS A 96 11.68 -22.06 9.44
N ALA A 97 10.78 -22.97 9.06
CA ALA A 97 9.47 -22.58 8.53
C ALA A 97 8.62 -23.82 8.39
N GLY A 98 7.41 -23.77 8.93
CA GLY A 98 6.53 -24.92 8.83
C GLY A 98 6.85 -25.98 9.85
N GLY A 99 7.70 -25.62 10.81
CA GLY A 99 8.08 -26.56 11.86
C GLY A 99 9.40 -27.25 11.56
N GLU A 100 9.60 -27.64 10.31
CA GLU A 100 10.81 -28.32 9.90
C GLU A 100 11.86 -27.27 9.53
N GLU A 101 13.04 -27.74 9.11
CA GLU A 101 14.13 -26.84 8.71
C GLU A 101 14.11 -26.82 7.18
N LEU A 102 14.15 -25.62 6.60
CA LEU A 102 14.11 -25.48 5.15
C LEU A 102 15.24 -26.20 4.42
N GLU A 103 14.93 -26.70 3.23
CA GLU A 103 15.92 -27.36 2.41
C GLU A 103 16.97 -26.27 2.12
N GLU A 104 16.52 -25.21 1.46
CA GLU A 104 17.37 -24.08 1.13
C GLU A 104 16.90 -22.91 1.98
N PRO A 105 17.83 -22.17 2.61
CA PRO A 105 17.44 -21.02 3.43
C PRO A 105 16.89 -19.88 2.56
N LEU A 106 15.88 -19.19 3.09
CA LEU A 106 15.25 -18.10 2.38
C LEU A 106 15.68 -16.72 2.87
N ALA A 107 15.86 -15.80 1.94
CA ALA A 107 16.24 -14.44 2.28
C ALA A 107 15.03 -13.52 2.25
N VAL A 108 14.96 -12.59 3.19
CA VAL A 108 13.87 -11.63 3.18
C VAL A 108 14.38 -10.55 2.23
N ARG A 109 13.65 -10.35 1.15
CA ARG A 109 14.04 -9.40 0.13
C ARG A 109 14.64 -8.08 0.58
N PRO A 110 15.82 -7.75 0.04
CA PRO A 110 16.50 -6.49 0.37
C PRO A 110 16.19 -5.56 -0.79
N THR A 111 15.72 -6.16 -1.88
CA THR A 111 15.38 -5.48 -3.10
C THR A 111 14.82 -6.59 -3.98
N SER A 112 14.03 -6.25 -5.00
CA SER A 112 13.40 -7.30 -5.83
C SER A 112 13.92 -7.67 -7.23
N GLU A 113 14.98 -7.01 -7.71
CA GLU A 113 15.52 -7.30 -9.04
C GLU A 113 15.52 -8.77 -9.42
N THR A 114 16.17 -9.60 -8.63
CA THR A 114 16.28 -11.02 -8.88
C THR A 114 14.95 -11.73 -9.14
N VAL A 115 14.06 -11.77 -8.16
CA VAL A 115 12.79 -12.46 -8.36
C VAL A 115 12.02 -11.96 -9.57
N ILE A 116 12.05 -10.65 -9.81
CA ILE A 116 11.36 -10.10 -10.97
C ILE A 116 12.05 -10.61 -12.22
N GLY A 117 13.37 -10.71 -12.18
CA GLY A 117 14.11 -11.20 -13.32
C GLY A 117 13.67 -12.61 -13.65
N TYR A 118 13.65 -13.44 -12.62
CA TYR A 118 13.22 -14.82 -12.76
C TYR A 118 11.88 -14.87 -13.49
N MET A 119 10.92 -14.10 -13.00
CA MET A 119 9.59 -14.05 -13.61
C MET A 119 9.64 -13.47 -15.03
N TRP A 120 10.44 -12.44 -15.22
CA TRP A 120 10.56 -11.82 -16.53
C TRP A 120 11.09 -12.82 -17.53
N SER A 121 11.97 -13.69 -17.05
CA SER A 121 12.57 -14.71 -17.89
C SER A 121 11.50 -15.54 -18.55
N LYS A 122 10.47 -15.90 -17.78
CA LYS A 122 9.39 -16.72 -18.33
C LYS A 122 8.26 -15.97 -19.00
N TRP A 123 8.10 -14.68 -18.70
CA TRP A 123 7.03 -13.91 -19.33
C TRP A 123 7.44 -13.31 -20.68
N ILE A 124 8.69 -12.86 -20.78
CA ILE A 124 9.13 -12.23 -22.02
C ILE A 124 9.57 -13.22 -23.07
N ARG A 125 9.05 -13.03 -24.27
CA ARG A 125 9.35 -13.90 -25.40
C ARG A 125 9.52 -13.08 -26.68
N SER A 126 8.72 -12.04 -26.83
CA SER A 126 8.75 -11.19 -28.02
C SER A 126 8.96 -9.71 -27.71
N TRP A 127 9.43 -8.95 -28.69
CA TRP A 127 9.62 -7.55 -28.45
C TRP A 127 8.24 -6.96 -28.17
N ARG A 128 7.20 -7.62 -28.66
CA ARG A 128 5.83 -7.15 -28.43
C ARG A 128 5.49 -7.30 -26.97
N ASP A 129 6.40 -7.92 -26.22
CA ASP A 129 6.23 -8.12 -24.79
C ASP A 129 6.86 -7.00 -23.99
N LEU A 130 7.56 -6.11 -24.67
CA LEU A 130 8.23 -4.99 -24.02
C LEU A 130 7.56 -3.68 -24.43
N PRO A 131 7.74 -2.61 -23.64
CA PRO A 131 8.54 -2.63 -22.41
C PRO A 131 7.76 -3.18 -21.24
N GLN A 132 8.48 -3.65 -20.23
CA GLN A 132 7.84 -4.12 -19.01
C GLN A 132 7.97 -2.89 -18.12
N LEU A 133 6.84 -2.30 -17.76
CA LEU A 133 6.85 -1.11 -16.89
C LEU A 133 6.22 -1.44 -15.54
N LEU A 134 7.01 -1.99 -14.64
CA LEU A 134 6.51 -2.39 -13.33
C LEU A 134 6.93 -1.58 -12.11
N ASN A 135 6.02 -1.49 -11.15
CA ASN A 135 6.30 -0.82 -9.91
C ASN A 135 5.69 -1.61 -8.78
N GLN A 136 6.35 -1.57 -7.64
CA GLN A 136 5.85 -2.29 -6.48
C GLN A 136 6.03 -1.48 -5.21
N TRP A 137 4.94 -1.34 -4.46
CA TRP A 137 4.95 -0.60 -3.20
C TRP A 137 5.02 -1.67 -2.12
N GLY A 138 6.02 -1.60 -1.27
CA GLY A 138 6.12 -2.59 -0.23
C GLY A 138 7.23 -2.33 0.76
N ASN A 139 7.57 -3.38 1.51
CA ASN A 139 8.60 -3.32 2.52
C ASN A 139 9.77 -4.19 2.11
N VAL A 140 10.96 -3.86 2.61
CA VAL A 140 12.16 -4.62 2.35
C VAL A 140 12.98 -4.59 3.63
N VAL A 141 13.83 -5.60 3.81
CA VAL A 141 14.66 -5.66 5.00
C VAL A 141 16.14 -5.68 4.64
N ARG A 142 16.88 -4.77 5.27
CA ARG A 142 18.32 -4.67 5.08
C ARG A 142 18.81 -4.44 6.49
N TRP A 143 19.20 -5.53 7.12
CA TRP A 143 19.63 -5.50 8.50
C TRP A 143 20.52 -4.38 8.96
N GLU A 144 20.20 -3.89 10.14
CA GLU A 144 20.89 -2.82 10.84
C GLU A 144 20.38 -2.91 12.27
N MET A 145 21.29 -3.19 13.20
CA MET A 145 20.92 -3.32 14.61
C MET A 145 20.86 -1.97 15.35
N ARG A 146 21.28 -0.91 14.67
CA ARG A 146 21.27 0.43 15.25
C ARG A 146 20.14 1.23 14.57
N THR A 147 19.26 1.84 15.38
CA THR A 147 18.12 2.58 14.86
C THR A 147 18.28 4.09 14.65
N ARG A 148 17.49 4.61 13.71
CA ARG A 148 17.44 6.03 13.35
C ARG A 148 16.23 6.17 12.44
N PRO A 149 15.04 6.40 13.04
CA PRO A 149 13.77 6.55 12.34
C PRO A 149 13.80 7.24 10.98
N PHE A 150 13.34 6.51 9.97
CA PHE A 150 13.25 6.99 8.60
C PHE A 150 14.58 7.11 7.86
N LEU A 151 15.68 7.22 8.59
CA LEU A 151 16.97 7.35 7.94
C LEU A 151 17.67 6.03 7.70
N ARG A 152 17.62 5.13 8.68
CA ARG A 152 18.26 3.85 8.53
C ARG A 152 17.68 2.84 9.50
N THR A 153 16.86 1.93 8.98
CA THR A 153 16.20 0.90 9.78
C THR A 153 16.23 -0.46 9.10
N SER A 154 16.15 -1.52 9.89
CA SER A 154 16.15 -2.89 9.39
C SER A 154 15.11 -3.08 8.29
N GLU A 155 13.86 -2.78 8.62
CA GLU A 155 12.77 -2.87 7.66
C GLU A 155 12.33 -1.46 7.31
N PHE A 156 11.90 -1.25 6.07
CA PHE A 156 11.43 0.06 5.67
C PHE A 156 10.53 -0.03 4.45
N LEU A 157 9.60 0.91 4.33
CA LEU A 157 8.69 0.94 3.21
C LEU A 157 9.28 1.79 2.09
N TRP A 158 8.95 1.43 0.86
CA TRP A 158 9.41 2.18 -0.29
C TRP A 158 8.61 1.76 -1.49
N GLN A 159 9.04 2.29 -2.63
CA GLN A 159 8.42 1.99 -3.90
C GLN A 159 9.60 1.59 -4.76
N GLU A 160 9.55 0.42 -5.36
CA GLU A 160 10.66 -0.01 -6.24
C GLU A 160 10.14 -0.33 -7.64
N GLY A 161 10.60 0.45 -8.61
CA GLY A 161 10.17 0.25 -9.98
C GLY A 161 11.17 -0.60 -10.72
N HIS A 162 10.68 -1.36 -11.69
CA HIS A 162 11.51 -2.21 -12.52
C HIS A 162 10.98 -2.22 -13.94
N THR A 163 11.85 -1.95 -14.91
CA THR A 163 11.41 -1.99 -16.29
C THR A 163 12.35 -2.82 -17.13
N ALA A 164 11.85 -3.32 -18.26
CA ALA A 164 12.63 -4.12 -19.20
C ALA A 164 12.36 -3.58 -20.58
N HIS A 165 13.43 -3.28 -21.31
CA HIS A 165 13.30 -2.71 -22.64
C HIS A 165 13.98 -3.53 -23.72
N ALA A 166 13.62 -3.25 -24.97
CA ALA A 166 14.21 -3.95 -26.10
C ALA A 166 15.54 -3.28 -26.47
N THR A 167 15.60 -1.96 -26.37
CA THR A 167 16.82 -1.23 -26.72
C THR A 167 17.42 -0.52 -25.52
N ARG A 168 18.73 -0.31 -25.56
CA ARG A 168 19.42 0.37 -24.46
C ARG A 168 18.92 1.80 -24.37
N GLU A 169 18.63 2.40 -25.51
CA GLU A 169 18.18 3.78 -25.52
C GLU A 169 16.88 4.00 -24.76
N GLU A 170 15.89 3.15 -25.01
CA GLU A 170 14.60 3.27 -24.36
C GLU A 170 14.78 3.09 -22.85
N ALA A 171 15.68 2.19 -22.50
CA ALA A 171 15.97 1.90 -21.09
C ALA A 171 16.55 3.12 -20.40
N GLU A 172 17.53 3.76 -21.04
CA GLU A 172 18.16 4.92 -20.47
C GLU A 172 17.20 6.09 -20.40
N GLU A 173 16.31 6.19 -21.37
CA GLU A 173 15.36 7.29 -21.35
C GLU A 173 14.45 7.08 -20.14
N GLU A 174 14.17 5.82 -19.83
CA GLU A 174 13.31 5.49 -18.70
C GLU A 174 14.03 5.91 -17.42
N VAL A 175 15.30 5.55 -17.33
CA VAL A 175 16.10 5.88 -16.15
C VAL A 175 16.05 7.36 -15.82
N ARG A 176 16.08 8.23 -16.83
CA ARG A 176 16.03 9.66 -16.56
C ARG A 176 14.60 10.12 -16.37
N ARG A 177 13.66 9.45 -17.00
CA ARG A 177 12.26 9.84 -16.86
C ARG A 177 11.88 9.72 -15.39
N MET A 178 12.33 8.66 -14.75
CA MET A 178 11.99 8.45 -13.35
C MET A 178 12.72 9.39 -12.39
N LEU A 179 14.02 9.58 -12.57
CA LEU A 179 14.77 10.46 -11.69
C LEU A 179 14.14 11.84 -11.70
N SER A 180 13.65 12.24 -12.87
CA SER A 180 13.02 13.54 -12.98
C SER A 180 11.75 13.55 -12.15
N ILE A 181 11.04 12.42 -12.14
CA ILE A 181 9.82 12.33 -11.35
C ILE A 181 10.19 12.52 -9.89
N TYR A 182 11.21 11.79 -9.45
CA TYR A 182 11.69 11.89 -8.08
C TYR A 182 12.02 13.35 -7.78
N ALA A 183 12.68 13.99 -8.72
CA ALA A 183 13.06 15.39 -8.55
C ALA A 183 11.83 16.31 -8.49
N ARG A 184 10.80 15.98 -9.25
CA ARG A 184 9.61 16.81 -9.25
C ARG A 184 8.93 16.65 -7.91
N LEU A 185 8.94 15.42 -7.39
CA LEU A 185 8.33 15.15 -6.09
C LEU A 185 9.02 16.00 -5.03
N ALA A 186 10.34 16.01 -5.08
CA ALA A 186 11.13 16.76 -4.11
C ALA A 186 10.97 18.26 -4.22
N ARG A 187 10.97 18.78 -5.43
CA ARG A 187 10.87 20.22 -5.63
C ARG A 187 9.47 20.84 -5.59
N GLU A 188 8.51 20.21 -6.27
CA GLU A 188 7.15 20.75 -6.33
C GLU A 188 6.24 20.30 -5.20
N TYR A 189 6.66 19.29 -4.45
CA TYR A 189 5.84 18.79 -3.36
C TYR A 189 6.47 18.84 -1.98
N ALA A 190 7.76 18.52 -1.91
CA ALA A 190 8.46 18.53 -0.63
C ALA A 190 9.16 19.86 -0.44
N ALA A 191 9.29 20.62 -1.51
CA ALA A 191 9.96 21.91 -1.48
C ALA A 191 11.42 21.72 -1.06
N ILE A 192 11.93 20.52 -1.31
CA ILE A 192 13.30 20.15 -0.99
C ILE A 192 14.16 20.30 -2.25
N PRO A 193 15.11 21.23 -2.26
CA PRO A 193 15.95 21.37 -3.45
C PRO A 193 16.89 20.17 -3.56
N VAL A 194 17.26 19.80 -4.78
CA VAL A 194 18.13 18.64 -4.99
C VAL A 194 19.03 18.76 -6.22
N ILE A 195 20.11 17.99 -6.23
CA ILE A 195 21.03 17.96 -7.35
C ILE A 195 20.85 16.65 -8.12
N GLU A 196 20.53 16.76 -9.41
CA GLU A 196 20.37 15.59 -10.26
C GLU A 196 21.75 15.21 -10.81
N GLY A 197 22.25 14.05 -10.42
CA GLY A 197 23.57 13.67 -10.91
C GLY A 197 23.81 12.17 -11.07
N LEU A 198 25.08 11.83 -11.27
CA LEU A 198 25.50 10.46 -11.49
C LEU A 198 26.51 9.97 -10.45
N LYS A 199 26.20 8.87 -9.78
CA LYS A 199 27.09 8.30 -8.78
C LYS A 199 28.38 7.89 -9.48
N THR A 200 29.45 7.69 -8.70
CA THR A 200 30.72 7.27 -9.29
C THR A 200 30.77 5.75 -9.15
N GLU A 201 31.69 5.11 -9.87
CA GLU A 201 31.83 3.67 -9.82
C GLU A 201 31.82 3.12 -8.41
N LYS A 202 32.54 3.80 -7.51
CA LYS A 202 32.61 3.35 -6.12
C LYS A 202 31.26 3.44 -5.41
N GLU A 203 30.52 4.50 -5.72
CA GLU A 203 29.23 4.77 -5.09
C GLU A 203 27.94 4.26 -5.72
N LYS A 204 28.02 3.62 -6.89
CA LYS A 204 26.82 3.14 -7.57
C LYS A 204 26.25 1.83 -7.04
N PHE A 205 25.15 1.38 -7.63
CA PHE A 205 24.51 0.14 -7.24
C PHE A 205 25.38 -0.98 -7.80
N ALA A 206 25.65 -1.97 -6.96
CA ALA A 206 26.47 -3.11 -7.35
C ALA A 206 26.14 -3.67 -8.73
N GLY A 207 24.92 -4.19 -8.88
CA GLY A 207 24.53 -4.78 -10.15
C GLY A 207 24.20 -3.84 -11.29
N ALA A 208 24.30 -2.53 -11.08
CA ALA A 208 23.97 -1.59 -12.13
C ALA A 208 25.14 -1.18 -12.99
N VAL A 209 24.84 -0.72 -14.19
CA VAL A 209 25.86 -0.24 -15.12
C VAL A 209 26.26 1.11 -14.56
N TYR A 210 25.26 1.96 -14.34
CA TYR A 210 25.46 3.26 -13.74
C TYR A 210 24.26 3.64 -12.86
N THR A 211 24.46 4.59 -11.95
CA THR A 211 23.38 5.00 -11.04
C THR A 211 23.14 6.51 -11.04
N THR A 212 21.90 6.92 -11.24
CA THR A 212 21.58 8.33 -11.19
C THR A 212 20.93 8.57 -9.82
N THR A 213 21.01 9.79 -9.32
CA THR A 213 20.46 10.09 -8.00
C THR A 213 20.11 11.54 -7.85
N ILE A 214 19.36 11.83 -6.78
CA ILE A 214 19.00 13.21 -6.45
C ILE A 214 19.55 13.41 -5.04
N GLU A 215 20.40 14.43 -4.87
CA GLU A 215 21.00 14.67 -3.57
C GLU A 215 20.48 15.93 -2.89
N ALA A 216 20.15 15.80 -1.62
CA ALA A 216 19.64 16.91 -0.83
C ALA A 216 20.60 17.27 0.31
N LEU A 217 20.51 18.51 0.79
CA LEU A 217 21.36 18.96 1.89
C LEU A 217 20.52 19.20 3.14
N MET A 218 20.80 18.47 4.21
CA MET A 218 20.05 18.62 5.45
C MET A 218 20.52 19.87 6.20
N LYS A 219 19.69 20.36 7.11
CA LYS A 219 20.03 21.57 7.86
C LYS A 219 21.28 21.42 8.71
N ASP A 220 21.76 20.21 8.87
CA ASP A 220 22.97 20.00 9.65
C ASP A 220 24.19 19.93 8.75
N GLY A 221 24.01 20.21 7.46
CA GLY A 221 25.14 20.19 6.55
C GLY A 221 25.42 18.88 5.85
N LYS A 222 24.93 17.77 6.39
CA LYS A 222 25.14 16.46 5.77
C LYS A 222 24.24 16.28 4.54
N ALA A 223 24.67 15.43 3.62
CA ALA A 223 23.90 15.18 2.41
C ALA A 223 23.03 13.94 2.55
N LEU A 224 21.96 13.90 1.75
CA LEU A 224 21.04 12.78 1.76
C LEU A 224 20.61 12.41 0.36
N GLN A 225 20.63 11.11 0.08
CA GLN A 225 20.25 10.57 -1.21
C GLN A 225 18.73 10.32 -1.15
N ALA A 226 17.95 11.20 -1.77
CA ALA A 226 16.50 11.11 -1.73
C ALA A 226 15.92 10.00 -2.59
N GLY A 227 16.54 9.74 -3.74
CA GLY A 227 16.06 8.71 -4.63
C GLY A 227 17.08 8.34 -5.70
N THR A 228 17.06 7.08 -6.13
CA THR A 228 17.99 6.63 -7.16
C THR A 228 17.28 5.98 -8.34
N SER A 229 17.96 6.00 -9.49
CA SER A 229 17.43 5.42 -10.72
C SER A 229 18.62 4.77 -11.42
N HIS A 230 18.56 3.45 -11.57
CA HIS A 230 19.66 2.69 -12.17
C HIS A 230 19.46 2.18 -13.59
N TYR A 231 20.54 2.17 -14.36
CA TYR A 231 20.53 1.60 -15.69
C TYR A 231 21.27 0.29 -15.44
N LEU A 232 20.57 -0.82 -15.61
CA LEU A 232 21.17 -2.13 -15.35
C LEU A 232 21.69 -2.84 -16.58
N GLY A 233 21.60 -2.20 -17.74
CA GLY A 233 22.07 -2.85 -18.96
C GLY A 233 21.51 -4.25 -19.08
N GLU A 234 22.36 -5.21 -19.40
CA GLU A 234 21.91 -6.59 -19.57
C GLU A 234 22.37 -7.51 -18.44
N ASN A 235 22.83 -6.91 -17.34
CA ASN A 235 23.32 -7.67 -16.22
C ASN A 235 22.32 -8.68 -15.71
N PHE A 236 21.11 -8.24 -15.39
CA PHE A 236 20.12 -9.17 -14.89
C PHE A 236 19.52 -10.01 -16.00
N ALA A 237 19.44 -9.43 -17.20
CA ALA A 237 18.91 -10.16 -18.33
C ALA A 237 19.78 -11.40 -18.47
N ARG A 238 21.08 -11.17 -18.52
CA ARG A 238 22.04 -12.26 -18.66
C ARG A 238 22.03 -13.18 -17.45
N ALA A 239 22.04 -12.61 -16.26
CA ALA A 239 22.05 -13.42 -15.06
C ALA A 239 20.83 -14.31 -14.96
N PHE A 240 19.70 -13.82 -15.45
CA PHE A 240 18.46 -14.58 -15.35
C PHE A 240 17.90 -15.04 -16.67
N ASP A 241 18.70 -14.90 -17.72
CA ASP A 241 18.28 -15.34 -19.04
C ASP A 241 16.95 -14.70 -19.45
N ILE A 242 16.99 -13.41 -19.75
CA ILE A 242 15.80 -12.69 -20.17
C ILE A 242 16.01 -12.21 -21.60
N LYS A 243 15.58 -13.01 -22.56
CA LYS A 243 15.75 -12.67 -23.97
C LYS A 243 14.42 -12.61 -24.69
N PHE A 244 14.49 -12.14 -25.93
CA PHE A 244 13.32 -12.02 -26.78
C PHE A 244 13.76 -11.91 -28.23
N GLN A 245 12.89 -12.32 -29.15
CA GLN A 245 13.21 -12.23 -30.57
C GLN A 245 12.65 -10.91 -31.10
N ASP A 246 13.56 -10.09 -31.62
CA ASP A 246 13.21 -8.77 -32.11
C ASP A 246 12.57 -8.71 -33.48
N ARG A 247 12.27 -7.49 -33.93
CA ARG A 247 11.65 -7.28 -35.22
C ARG A 247 12.60 -7.73 -36.31
N ASP A 248 13.89 -7.78 -35.97
CA ASP A 248 14.92 -8.16 -36.94
C ASP A 248 15.30 -9.64 -36.93
N LEU A 249 14.41 -10.49 -36.42
CA LEU A 249 14.66 -11.92 -36.36
C LEU A 249 15.73 -12.31 -35.35
N GLN A 250 16.46 -11.31 -34.84
CA GLN A 250 17.54 -11.53 -33.88
C GLN A 250 17.12 -11.69 -32.41
N VAL A 251 17.61 -12.73 -31.75
CA VAL A 251 17.27 -12.94 -30.35
C VAL A 251 18.26 -12.16 -29.49
N LYS A 252 17.74 -11.45 -28.49
CA LYS A 252 18.61 -10.69 -27.63
C LYS A 252 18.09 -10.42 -26.25
N TYR A 253 19.01 -10.00 -25.38
CA TYR A 253 18.70 -9.68 -24.00
C TYR A 253 18.02 -8.33 -23.90
N VAL A 254 17.09 -8.21 -22.95
CA VAL A 254 16.39 -6.97 -22.71
C VAL A 254 17.31 -6.04 -21.91
N HIS A 255 16.96 -4.76 -21.86
CA HIS A 255 17.72 -3.80 -21.08
C HIS A 255 16.81 -3.36 -19.95
N THR A 256 17.20 -3.64 -18.72
CA THR A 256 16.37 -3.28 -17.58
C THR A 256 16.86 -2.09 -16.78
N THR A 257 15.91 -1.45 -16.11
CA THR A 257 16.22 -0.32 -15.25
C THR A 257 15.59 -0.62 -13.91
N SER A 258 15.95 0.18 -12.92
CA SER A 258 15.47 0.01 -11.57
C SER A 258 15.49 1.37 -10.89
N TRP A 259 14.46 1.69 -10.13
CA TRP A 259 14.41 2.96 -9.40
C TRP A 259 13.63 2.78 -8.13
N GLY A 260 13.99 3.55 -7.11
CA GLY A 260 13.30 3.45 -5.85
C GLY A 260 13.43 4.65 -4.95
N LEU A 261 12.40 4.87 -4.15
CA LEU A 261 12.35 5.96 -3.18
C LEU A 261 11.68 5.38 -1.93
N SER A 262 12.33 5.54 -0.78
CA SER A 262 11.79 5.00 0.47
C SER A 262 11.28 6.07 1.41
N TRP A 263 10.83 5.66 2.60
CA TRP A 263 10.32 6.64 3.55
C TRP A 263 11.43 7.52 4.11
N ARG A 264 12.64 7.27 3.64
CA ARG A 264 13.76 8.09 4.05
C ARG A 264 13.44 9.50 3.54
N PHE A 265 12.60 9.58 2.51
CA PHE A 265 12.21 10.86 1.94
C PHE A 265 11.52 11.69 3.04
N ILE A 266 10.93 11.01 4.01
CA ILE A 266 10.27 11.70 5.11
C ILE A 266 11.35 12.34 5.96
N GLY A 267 12.42 11.58 6.21
CA GLY A 267 13.52 12.11 6.98
C GLY A 267 14.06 13.37 6.32
N ALA A 268 14.10 13.36 4.99
CA ALA A 268 14.58 14.51 4.26
C ALA A 268 13.69 15.70 4.53
N ILE A 269 12.38 15.47 4.57
CA ILE A 269 11.44 16.54 4.81
C ILE A 269 11.68 17.17 6.17
N ILE A 270 11.86 16.30 7.17
CA ILE A 270 12.10 16.75 8.53
C ILE A 270 13.39 17.55 8.69
N MET A 271 14.49 17.03 8.16
CA MET A 271 15.78 17.69 8.26
C MET A 271 16.04 18.86 7.29
N THR A 272 15.16 19.08 6.33
CA THR A 272 15.38 20.18 5.40
C THR A 272 14.67 21.44 5.86
N HIS A 273 13.50 21.28 6.46
CA HIS A 273 12.72 22.42 6.88
C HIS A 273 12.54 22.57 8.39
N GLY A 274 12.83 21.52 9.14
CA GLY A 274 12.66 21.59 10.59
C GLY A 274 13.44 22.71 11.24
N ASP A 275 12.83 23.31 12.27
CA ASP A 275 13.49 24.39 13.00
C ASP A 275 13.48 24.04 14.48
N ASP A 276 13.84 24.98 15.34
CA ASP A 276 13.88 24.71 16.78
C ASP A 276 12.52 24.61 17.46
N ARG A 277 11.48 25.01 16.74
CA ARG A 277 10.12 24.93 17.25
C ARG A 277 9.57 23.61 16.74
N GLY A 278 10.41 22.88 16.00
CA GLY A 278 10.02 21.59 15.48
C GLY A 278 9.84 21.48 13.98
N LEU A 279 8.91 20.61 13.59
CA LEU A 279 8.61 20.36 12.19
C LEU A 279 8.08 21.54 11.42
N VAL A 280 8.25 21.48 10.11
CA VAL A 280 7.76 22.49 9.18
C VAL A 280 7.52 21.62 7.95
N LEU A 281 6.25 21.29 7.72
CA LEU A 281 5.84 20.44 6.62
C LEU A 281 5.47 21.17 5.35
N PRO A 282 5.89 20.64 4.20
CA PRO A 282 5.54 21.29 2.94
C PRO A 282 4.03 21.05 2.78
N PRO A 283 3.26 22.12 2.49
CA PRO A 283 1.80 22.14 2.31
C PRO A 283 1.22 21.06 1.42
N ARG A 284 1.97 20.68 0.39
CA ARG A 284 1.49 19.68 -0.53
C ARG A 284 1.57 18.24 -0.04
N LEU A 285 2.16 18.02 1.13
CA LEU A 285 2.25 16.65 1.64
C LEU A 285 1.89 16.61 3.12
N ALA A 286 1.54 17.78 3.65
CA ALA A 286 1.18 17.87 5.05
C ALA A 286 -0.18 17.21 5.29
N PRO A 287 -0.28 16.35 6.32
CA PRO A 287 -1.59 15.74 6.55
C PRO A 287 -2.61 16.82 6.97
N ILE A 288 -2.13 17.85 7.66
CA ILE A 288 -3.01 18.96 8.07
C ILE A 288 -2.39 20.23 7.51
N GLN A 289 -3.13 20.94 6.67
CA GLN A 289 -2.63 22.15 6.07
C GLN A 289 -3.08 23.36 6.84
N VAL A 290 -4.26 23.24 7.42
CA VAL A 290 -4.85 24.32 8.19
C VAL A 290 -5.38 23.74 9.46
N VAL A 291 -5.06 24.38 10.58
CA VAL A 291 -5.58 23.95 11.86
C VAL A 291 -6.37 25.11 12.42
N ILE A 292 -7.60 24.84 12.82
CA ILE A 292 -8.44 25.87 13.39
C ILE A 292 -8.43 25.76 14.89
N VAL A 293 -8.12 26.86 15.55
CA VAL A 293 -8.06 26.92 16.99
C VAL A 293 -9.08 27.93 17.48
N PRO A 294 -10.21 27.45 18.04
CA PRO A 294 -11.26 28.33 18.55
C PRO A 294 -10.87 28.84 19.93
N ILE A 295 -10.97 30.14 20.13
CA ILE A 295 -10.66 30.76 21.41
C ILE A 295 -11.97 31.25 21.98
N TYR A 296 -12.22 30.97 23.26
CA TYR A 296 -13.49 31.37 23.86
C TYR A 296 -13.55 31.39 25.38
N LYS A 297 -14.78 31.33 25.87
CA LYS A 297 -15.16 31.30 27.29
C LYS A 297 -16.64 30.95 27.29
N ASP A 298 -17.06 30.11 28.24
CA ASP A 298 -18.45 29.65 28.34
C ASP A 298 -19.54 30.54 27.72
N GLU A 299 -19.44 31.85 27.91
CA GLU A 299 -20.43 32.77 27.37
C GLU A 299 -20.26 33.04 25.87
N SER A 300 -19.38 32.27 25.24
CA SER A 300 -19.09 32.42 23.81
C SER A 300 -18.68 31.08 23.20
N ARG A 301 -18.42 30.10 24.06
CA ARG A 301 -18.02 28.78 23.62
C ARG A 301 -19.01 28.27 22.57
N GLU A 302 -20.24 28.77 22.63
CA GLU A 302 -21.27 28.37 21.69
C GLU A 302 -21.10 29.00 20.30
N ARG A 303 -20.91 30.32 20.26
CA ARG A 303 -20.75 31.01 18.97
C ARG A 303 -19.40 30.80 18.28
N VAL A 304 -18.33 30.73 19.07
CA VAL A 304 -17.00 30.50 18.50
C VAL A 304 -17.05 29.14 17.83
N LEU A 305 -17.21 28.09 18.63
CA LEU A 305 -17.29 26.74 18.14
C LEU A 305 -18.23 26.61 16.94
N GLU A 306 -19.29 27.40 16.94
CA GLU A 306 -20.25 27.34 15.84
C GLU A 306 -19.56 27.79 14.56
N ALA A 307 -18.83 28.91 14.65
CA ALA A 307 -18.12 29.46 13.50
C ALA A 307 -16.98 28.54 13.09
N ALA A 308 -16.22 28.10 14.08
CA ALA A 308 -15.11 27.20 13.84
C ALA A 308 -15.62 26.01 13.03
N GLN A 309 -16.68 25.38 13.54
CA GLN A 309 -17.28 24.22 12.85
C GLN A 309 -17.68 24.58 11.42
N GLY A 310 -18.20 25.80 11.26
CA GLY A 310 -18.62 26.25 9.95
C GLY A 310 -17.43 26.43 9.03
N LEU A 311 -16.39 27.08 9.54
CA LEU A 311 -15.18 27.33 8.76
C LEU A 311 -14.55 26.01 8.33
N ARG A 312 -14.70 24.99 9.19
CA ARG A 312 -14.16 23.67 8.88
C ARG A 312 -14.78 23.16 7.59
N GLN A 313 -16.11 23.22 7.51
CA GLN A 313 -16.82 22.76 6.33
C GLN A 313 -16.44 23.58 5.10
N ALA A 314 -16.40 24.90 5.27
CA ALA A 314 -16.02 25.78 4.19
C ALA A 314 -14.66 25.41 3.62
N LEU A 315 -13.74 25.04 4.50
CA LEU A 315 -12.40 24.68 4.08
C LEU A 315 -12.31 23.30 3.45
N LEU A 316 -13.08 22.34 3.99
CA LEU A 316 -13.08 20.99 3.44
C LEU A 316 -13.67 21.04 2.05
N ALA A 317 -14.66 21.92 1.90
CA ALA A 317 -15.33 22.11 0.61
C ALA A 317 -14.31 22.49 -0.45
N GLN A 318 -13.27 23.23 -0.04
CA GLN A 318 -12.23 23.67 -0.94
C GLN A 318 -11.19 22.59 -1.21
N GLY A 319 -11.35 21.44 -0.55
CA GLY A 319 -10.40 20.36 -0.74
C GLY A 319 -9.18 20.53 0.15
N LEU A 320 -9.26 21.49 1.05
CA LEU A 320 -8.16 21.76 1.97
C LEU A 320 -8.18 20.75 3.11
N ARG A 321 -7.01 20.24 3.47
CA ARG A 321 -6.92 19.28 4.58
C ARG A 321 -6.85 20.08 5.88
N VAL A 322 -8.01 20.24 6.52
CA VAL A 322 -8.11 21.00 7.76
C VAL A 322 -8.48 20.17 8.98
N HIS A 323 -8.07 20.63 10.15
CA HIS A 323 -8.35 19.95 11.40
C HIS A 323 -8.77 20.98 12.43
N LEU A 324 -9.89 20.73 13.10
CA LEU A 324 -10.37 21.63 14.13
C LEU A 324 -9.94 21.12 15.50
N ASP A 325 -9.38 21.99 16.32
CA ASP A 325 -8.92 21.59 17.63
C ASP A 325 -9.87 22.08 18.72
N ASP A 326 -10.92 21.30 18.96
CA ASP A 326 -11.92 21.62 19.97
C ASP A 326 -11.32 21.50 21.35
N ARG A 327 -10.59 20.41 21.57
CA ARG A 327 -9.95 20.11 22.85
C ARG A 327 -10.07 21.24 23.87
N ASP A 328 -11.12 21.15 24.67
CA ASP A 328 -11.41 22.15 25.69
C ASP A 328 -10.42 22.03 26.85
N GLN A 329 -9.87 20.83 27.00
CA GLN A 329 -8.90 20.54 28.05
C GLN A 329 -7.66 21.40 27.99
N HIS A 330 -7.32 21.87 26.80
CA HIS A 330 -6.11 22.68 26.63
C HIS A 330 -6.31 24.16 26.31
N THR A 331 -5.28 24.92 26.67
CA THR A 331 -5.25 26.35 26.46
C THR A 331 -4.76 26.70 25.06
N PRO A 332 -5.25 27.81 24.50
CA PRO A 332 -4.85 28.26 23.16
C PRO A 332 -3.34 28.19 22.96
N GLY A 333 -2.60 28.87 23.82
CA GLY A 333 -1.16 28.88 23.72
C GLY A 333 -0.55 27.48 23.71
N TYR A 334 -1.25 26.53 24.32
CA TYR A 334 -0.74 25.16 24.35
C TYR A 334 -0.93 24.56 22.96
N LYS A 335 -2.15 24.69 22.42
CA LYS A 335 -2.46 24.18 21.11
C LYS A 335 -1.55 24.83 20.08
N PHE A 336 -1.35 26.14 20.22
CA PHE A 336 -0.49 26.88 19.30
C PHE A 336 0.86 26.18 19.14
N HIS A 337 1.47 25.84 20.27
CA HIS A 337 2.75 25.16 20.26
C HIS A 337 2.69 23.76 19.66
N GLU A 338 1.67 22.99 20.01
CA GLU A 338 1.57 21.63 19.48
C GLU A 338 1.57 21.63 17.97
N TRP A 339 0.74 22.48 17.39
CA TRP A 339 0.64 22.53 15.94
C TRP A 339 1.81 23.16 15.24
N GLU A 340 2.66 23.88 15.98
CA GLU A 340 3.84 24.45 15.37
C GLU A 340 4.87 23.33 15.43
N LEU A 341 4.74 22.46 16.42
CA LEU A 341 5.66 21.36 16.57
C LEU A 341 5.44 20.30 15.50
N LYS A 342 4.17 20.05 15.22
CA LYS A 342 3.79 19.06 14.21
C LYS A 342 3.89 19.57 12.76
N GLY A 343 4.24 20.84 12.61
CA GLY A 343 4.45 21.41 11.29
C GLY A 343 3.32 21.93 10.42
N VAL A 344 2.11 22.02 10.97
CA VAL A 344 0.99 22.53 10.18
C VAL A 344 1.33 23.91 9.62
N PRO A 345 1.21 24.08 8.29
CA PRO A 345 1.52 25.35 7.63
C PRO A 345 0.76 26.56 8.15
N PHE A 346 -0.55 26.43 8.26
CA PHE A 346 -1.38 27.53 8.74
C PHE A 346 -2.24 27.24 9.93
N ARG A 347 -2.59 28.32 10.63
CA ARG A 347 -3.43 28.24 11.79
C ARG A 347 -4.44 29.36 11.65
N VAL A 348 -5.69 29.07 11.97
CA VAL A 348 -6.70 30.12 11.94
C VAL A 348 -7.09 30.27 13.41
N GLU A 349 -6.97 31.48 13.93
CA GLU A 349 -7.33 31.74 15.31
C GLU A 349 -8.70 32.42 15.29
N LEU A 350 -9.71 31.72 15.79
CA LEU A 350 -11.07 32.27 15.84
C LEU A 350 -11.45 32.65 17.26
N GLY A 351 -11.47 33.96 17.53
CA GLY A 351 -11.80 34.43 18.87
C GLY A 351 -13.21 34.97 19.06
N PRO A 352 -13.70 35.02 20.31
CA PRO A 352 -15.05 35.51 20.64
C PRO A 352 -15.36 36.82 19.93
N LYS A 353 -14.42 37.75 20.00
CA LYS A 353 -14.57 39.05 19.39
C LYS A 353 -14.70 39.04 17.87
N ASP A 354 -13.56 38.94 17.18
CA ASP A 354 -13.50 38.95 15.72
C ASP A 354 -14.63 38.30 14.94
N LEU A 355 -15.44 37.49 15.60
CA LEU A 355 -16.55 36.87 14.89
C LEU A 355 -17.60 37.93 14.55
N GLU A 356 -17.88 38.86 15.47
CA GLU A 356 -18.86 39.92 15.18
C GLU A 356 -18.31 40.84 14.08
N GLY A 357 -17.01 41.06 14.08
CA GLY A 357 -16.39 41.90 13.07
C GLY A 357 -16.26 41.09 11.80
N GLY A 358 -16.53 39.80 11.92
CA GLY A 358 -16.46 38.89 10.79
C GLY A 358 -15.07 38.48 10.34
N GLN A 359 -14.04 38.91 11.07
CA GLN A 359 -12.68 38.58 10.69
C GLN A 359 -12.02 37.53 11.57
N ALA A 360 -10.89 37.01 11.08
CA ALA A 360 -10.12 36.02 11.81
C ALA A 360 -8.63 36.22 11.53
N VAL A 361 -7.79 35.54 12.33
CA VAL A 361 -6.35 35.66 12.19
C VAL A 361 -5.71 34.43 11.56
N LEU A 362 -4.96 34.64 10.49
CA LEU A 362 -4.28 33.55 9.79
C LEU A 362 -2.81 33.66 10.18
N ALA A 363 -2.25 32.58 10.72
CA ALA A 363 -0.86 32.58 11.16
C ALA A 363 -0.09 31.46 10.47
N SER A 364 1.01 31.79 9.80
CA SER A 364 1.79 30.79 9.09
C SER A 364 3.03 30.36 9.83
N ARG A 365 3.31 29.06 9.76
CA ARG A 365 4.48 28.50 10.43
C ARG A 365 5.77 29.19 9.99
N LEU A 366 5.64 30.12 9.05
CA LEU A 366 6.81 30.84 8.57
C LEU A 366 6.88 32.29 9.05
N GLY A 367 6.06 32.63 10.04
CA GLY A 367 6.11 33.97 10.56
C GLY A 367 5.08 34.94 10.00
N GLY A 368 4.08 34.43 9.32
CA GLY A 368 3.08 35.32 8.79
C GLY A 368 1.90 35.41 9.71
N LYS A 369 1.34 36.61 9.80
CA LYS A 369 0.19 36.85 10.64
C LYS A 369 -0.64 37.91 9.92
N GLU A 370 -1.90 37.59 9.64
CA GLU A 370 -2.78 38.54 8.97
C GLU A 370 -4.22 38.32 9.39
N THR A 371 -5.02 39.38 9.29
CA THR A 371 -6.42 39.32 9.64
C THR A 371 -7.20 39.30 8.34
N LEU A 372 -8.19 38.42 8.27
CA LEU A 372 -8.96 38.32 7.06
C LEU A 372 -10.39 38.03 7.36
N PRO A 373 -11.27 38.36 6.42
CA PRO A 373 -12.69 38.09 6.62
C PRO A 373 -12.85 36.57 6.46
N LEU A 374 -13.58 35.96 7.38
CA LEU A 374 -13.82 34.52 7.36
C LEU A 374 -14.31 34.03 6.02
N ALA A 375 -15.01 34.91 5.31
CA ALA A 375 -15.56 34.55 4.01
C ALA A 375 -14.48 34.45 2.95
N ALA A 376 -13.44 35.26 3.08
CA ALA A 376 -12.34 35.28 2.12
C ALA A 376 -11.41 34.11 2.28
N LEU A 377 -11.32 33.60 3.49
CA LEU A 377 -10.45 32.50 3.82
C LEU A 377 -10.46 31.32 2.85
N PRO A 378 -11.57 30.55 2.80
CA PRO A 378 -11.64 29.40 1.90
C PRO A 378 -11.01 29.63 0.53
N GLU A 379 -11.32 30.75 -0.11
CA GLU A 379 -10.77 31.04 -1.42
C GLU A 379 -9.30 31.47 -1.37
N ALA A 380 -8.95 32.24 -0.34
CA ALA A 380 -7.58 32.75 -0.18
C ALA A 380 -6.55 31.71 0.23
N LEU A 381 -6.96 30.69 0.97
CA LEU A 381 -5.98 29.71 1.41
C LEU A 381 -5.17 29.03 0.33
N PRO A 382 -5.83 28.47 -0.68
CA PRO A 382 -5.08 27.78 -1.74
C PRO A 382 -3.85 28.54 -2.28
N GLY A 383 -4.03 29.83 -2.55
CA GLY A 383 -2.94 30.62 -3.07
C GLY A 383 -1.88 30.86 -2.03
N LYS A 384 -2.33 30.98 -0.79
CA LYS A 384 -1.40 31.20 0.31
C LYS A 384 -0.55 29.95 0.51
N LEU A 385 -1.20 28.79 0.45
CA LEU A 385 -0.48 27.54 0.60
C LEU A 385 0.63 27.48 -0.45
N ASP A 386 0.34 28.01 -1.63
CA ASP A 386 1.31 28.02 -2.72
C ASP A 386 2.47 28.95 -2.39
N ALA A 387 2.13 30.18 -1.99
CA ALA A 387 3.13 31.16 -1.62
C ALA A 387 4.03 30.57 -0.53
N PHE A 388 3.40 29.76 0.34
CA PHE A 388 4.10 29.08 1.43
C PHE A 388 5.15 28.15 0.82
N HIS A 389 4.67 27.19 0.04
CA HIS A 389 5.55 26.23 -0.63
C HIS A 389 6.74 26.95 -1.26
N GLU A 390 6.45 27.98 -2.03
CA GLU A 390 7.50 28.72 -2.66
C GLU A 390 8.55 29.16 -1.63
N GLU A 391 8.09 29.80 -0.56
CA GLU A 391 9.01 30.28 0.48
C GLU A 391 9.82 29.14 1.08
N LEU A 392 9.17 28.06 1.49
CA LEU A 392 9.91 26.93 2.04
C LEU A 392 11.07 26.64 1.11
N TYR A 393 10.75 26.36 -0.15
CA TYR A 393 11.74 26.03 -1.16
C TYR A 393 12.83 27.11 -1.25
N ARG A 394 12.40 28.38 -1.27
CA ARG A 394 13.32 29.51 -1.36
C ARG A 394 14.37 29.44 -0.28
N ARG A 395 13.92 29.24 0.97
CA ARG A 395 14.82 29.15 2.09
C ARG A 395 15.78 27.98 1.97
N ALA A 396 15.25 26.81 1.66
CA ALA A 396 16.09 25.62 1.52
C ALA A 396 17.16 25.89 0.49
N LEU A 397 16.77 26.60 -0.56
CA LEU A 397 17.70 26.94 -1.62
C LEU A 397 18.85 27.74 -1.05
N ALA A 398 18.46 28.80 -0.35
CA ALA A 398 19.39 29.73 0.27
C ALA A 398 20.33 29.01 1.19
N PHE A 399 19.78 28.12 1.98
CA PHE A 399 20.61 27.39 2.91
C PHE A 399 21.68 26.66 2.12
N ARG A 400 21.25 25.86 1.16
CA ARG A 400 22.17 25.09 0.35
C ARG A 400 23.25 25.92 -0.32
N GLU A 401 22.87 27.08 -0.83
CA GLU A 401 23.81 27.97 -1.51
C GLU A 401 24.84 28.42 -0.50
N ASP A 402 24.36 28.79 0.68
CA ASP A 402 25.24 29.24 1.75
C ASP A 402 26.08 28.09 2.28
N HIS A 403 25.76 26.85 1.90
CA HIS A 403 26.52 25.72 2.38
C HIS A 403 27.22 24.90 1.31
N THR A 404 27.35 25.48 0.13
CA THR A 404 28.05 24.84 -0.97
C THR A 404 29.28 25.70 -1.24
N ARG A 405 30.40 25.05 -1.55
CA ARG A 405 31.63 25.80 -1.78
C ARG A 405 32.58 25.15 -2.78
N LYS A 406 33.00 25.93 -3.77
CA LYS A 406 33.96 25.45 -4.77
C LYS A 406 35.32 25.43 -4.09
N VAL A 407 36.01 24.30 -4.08
CA VAL A 407 37.33 24.27 -3.48
C VAL A 407 38.37 23.91 -4.52
N ASP A 408 39.58 24.44 -4.35
CA ASP A 408 40.66 24.18 -5.29
C ASP A 408 41.86 23.60 -4.54
N THR A 409 41.73 23.51 -3.22
CA THR A 409 42.78 22.96 -2.38
C THR A 409 42.19 22.01 -1.37
N TYR A 410 42.93 20.98 -1.01
CA TYR A 410 42.45 19.98 -0.07
C TYR A 410 42.21 20.55 1.32
N GLU A 411 42.72 21.75 1.59
CA GLU A 411 42.53 22.36 2.91
C GLU A 411 41.14 22.98 2.92
N ALA A 412 40.84 23.72 1.85
CA ALA A 412 39.54 24.36 1.68
C ALA A 412 38.49 23.27 1.68
N PHE A 413 38.81 22.16 1.03
CA PHE A 413 37.91 21.01 0.94
C PHE A 413 37.53 20.54 2.35
N LYS A 414 38.52 20.20 3.15
CA LYS A 414 38.27 19.73 4.51
C LYS A 414 37.42 20.73 5.29
N GLU A 415 37.61 22.02 5.01
CA GLU A 415 36.83 23.06 5.68
C GLU A 415 35.39 23.03 5.22
N ALA A 416 35.18 23.01 3.90
CA ALA A 416 33.86 23.00 3.30
C ALA A 416 33.01 21.77 3.58
N VAL A 417 33.63 20.63 3.83
CA VAL A 417 32.87 19.41 4.09
C VAL A 417 32.47 19.32 5.56
N GLN A 418 32.58 20.43 6.25
CA GLN A 418 32.21 20.51 7.66
C GLN A 418 30.96 21.35 7.69
N GLU A 419 30.79 22.14 6.63
CA GLU A 419 29.67 23.04 6.47
C GLU A 419 28.59 22.45 5.57
N GLY A 420 29.01 21.79 4.49
CA GLY A 420 28.04 21.19 3.60
C GLY A 420 28.63 20.57 2.35
N PHE A 421 28.26 21.13 1.20
CA PHE A 421 28.73 20.65 -0.09
C PHE A 421 30.10 21.20 -0.47
N ALA A 422 30.94 20.32 -1.00
CA ALA A 422 32.27 20.68 -1.45
C ALA A 422 32.36 20.33 -2.94
N LEU A 423 32.55 21.35 -3.78
CA LEU A 423 32.65 21.14 -5.22
C LEU A 423 34.11 21.04 -5.65
N ALA A 424 34.68 19.84 -5.53
CA ALA A 424 36.08 19.60 -5.87
C ALA A 424 36.27 18.86 -7.20
N PHE A 425 37.52 18.89 -7.69
CA PHE A 425 37.92 18.19 -8.91
C PHE A 425 38.42 16.84 -8.42
N HIS A 426 38.24 15.78 -9.21
CA HIS A 426 38.76 14.49 -8.80
C HIS A 426 39.40 13.74 -9.97
N CYS A 427 40.30 12.83 -9.63
CA CYS A 427 41.02 12.05 -10.63
C CYS A 427 40.11 11.02 -11.30
N GLY A 428 39.16 10.49 -10.54
CA GLY A 428 38.24 9.52 -11.10
C GLY A 428 38.62 8.14 -10.60
N ASP A 429 39.64 8.08 -9.76
CA ASP A 429 40.13 6.81 -9.23
C ASP A 429 39.50 6.39 -7.91
N LYS A 430 38.94 5.18 -7.87
CA LYS A 430 38.33 4.67 -6.64
C LYS A 430 39.27 4.68 -5.45
N ALA A 431 40.56 4.50 -5.73
CA ALA A 431 41.58 4.47 -4.70
C ALA A 431 41.65 5.80 -3.97
N CYS A 432 41.78 6.86 -4.75
CA CYS A 432 41.86 8.19 -4.19
C CYS A 432 40.57 8.46 -3.40
N GLU A 433 39.44 8.23 -4.05
CA GLU A 433 38.13 8.43 -3.45
C GLU A 433 38.03 7.73 -2.10
N ARG A 434 38.43 6.46 -2.04
CA ARG A 434 38.36 5.74 -0.78
C ARG A 434 39.29 6.38 0.23
N LEU A 435 40.34 7.04 -0.25
CA LEU A 435 41.28 7.70 0.63
C LEU A 435 40.60 8.92 1.23
N ILE A 436 40.10 9.80 0.35
CA ILE A 436 39.42 11.02 0.77
C ILE A 436 38.37 10.70 1.82
N GLN A 437 37.77 9.53 1.73
CA GLN A 437 36.76 9.17 2.70
C GLN A 437 37.38 8.71 4.00
N GLU A 438 38.52 8.03 3.92
CA GLU A 438 39.17 7.55 5.13
C GLU A 438 39.67 8.75 5.93
N GLU A 439 40.19 9.73 5.23
CA GLU A 439 40.72 10.93 5.84
C GLU A 439 39.60 11.85 6.33
N THR A 440 38.96 12.56 5.40
CA THR A 440 37.87 13.49 5.72
C THR A 440 36.51 12.87 6.04
N THR A 441 36.36 11.58 5.78
CA THR A 441 35.09 10.83 5.99
C THR A 441 34.01 11.31 5.02
N ALA A 442 34.39 12.16 4.08
CA ALA A 442 33.46 12.65 3.08
C ALA A 442 33.41 11.65 1.94
N THR A 443 32.28 11.64 1.24
CA THR A 443 32.10 10.74 0.11
C THR A 443 31.64 11.55 -1.06
N THR A 444 31.50 10.84 -2.16
CA THR A 444 31.06 11.43 -3.39
C THR A 444 29.55 11.39 -3.39
N ARG A 445 28.93 12.51 -3.68
CA ARG A 445 27.48 12.55 -3.70
C ARG A 445 27.02 12.29 -5.11
N CYS A 446 27.62 12.99 -6.06
CA CYS A 446 27.29 12.77 -7.46
C CYS A 446 28.07 13.70 -8.38
N VAL A 447 28.08 13.34 -9.67
CA VAL A 447 28.74 14.13 -10.68
C VAL A 447 27.56 14.80 -11.37
N PRO A 448 27.21 16.01 -10.93
CA PRO A 448 26.09 16.78 -11.49
C PRO A 448 25.93 16.84 -13.00
N PHE A 449 24.69 16.67 -13.46
CA PHE A 449 24.36 16.71 -14.88
C PHE A 449 24.51 18.13 -15.44
N GLU A 450 23.95 19.11 -14.73
CA GLU A 450 24.00 20.48 -15.18
C GLU A 450 25.18 21.31 -14.66
N ALA A 451 26.23 20.66 -14.20
CA ALA A 451 27.39 21.38 -13.69
C ALA A 451 28.08 22.12 -14.85
N GLU A 452 28.85 23.17 -14.53
CA GLU A 452 29.58 23.93 -15.57
C GLU A 452 30.87 23.22 -15.92
N PRO A 453 31.15 23.10 -17.23
CA PRO A 453 32.34 22.47 -17.83
C PRO A 453 33.64 22.99 -17.23
N GLU A 454 34.42 22.11 -16.59
CA GLU A 454 35.67 22.50 -15.96
C GLU A 454 36.74 21.42 -15.93
N GLU A 455 37.97 21.84 -16.20
CA GLU A 455 39.11 20.94 -16.18
C GLU A 455 40.05 21.47 -15.10
N GLY A 456 40.73 20.57 -14.40
CA GLY A 456 41.64 20.96 -13.34
C GLY A 456 42.38 19.74 -12.81
N PHE A 457 42.80 19.78 -11.56
CA PHE A 457 43.54 18.65 -10.99
C PHE A 457 42.93 18.11 -9.70
N CYS A 458 42.92 16.79 -9.56
CA CYS A 458 42.35 16.16 -8.37
C CYS A 458 42.66 16.93 -7.11
N VAL A 459 41.61 17.28 -6.39
CA VAL A 459 41.74 18.02 -5.15
C VAL A 459 42.63 17.31 -4.15
N ARG A 460 42.91 16.01 -4.35
CA ARG A 460 43.77 15.34 -3.40
C ARG A 460 45.09 14.77 -3.90
N CYS A 461 45.08 14.16 -5.08
CA CYS A 461 46.32 13.55 -5.60
C CYS A 461 47.00 14.36 -6.71
N GLY A 462 46.35 15.43 -7.17
CA GLY A 462 46.96 16.26 -8.20
C GLY A 462 46.72 15.90 -9.66
N ARG A 463 46.56 14.62 -9.96
CA ARG A 463 46.33 14.17 -11.33
C ARG A 463 45.17 14.87 -12.00
N PRO A 464 45.24 15.06 -13.32
CA PRO A 464 44.18 15.73 -14.11
C PRO A 464 42.76 15.32 -13.71
N SER A 465 41.83 16.27 -13.81
CA SER A 465 40.44 16.04 -13.45
C SER A 465 39.63 15.18 -14.41
N ALA A 466 38.91 14.23 -13.84
CA ALA A 466 38.04 13.34 -14.60
C ALA A 466 36.70 14.07 -14.76
N TYR A 467 35.69 13.36 -15.24
CA TYR A 467 34.35 13.90 -15.39
C TYR A 467 34.18 15.20 -16.18
N GLY A 468 35.22 16.01 -16.28
CA GLY A 468 35.09 17.25 -17.03
C GLY A 468 34.26 18.31 -16.33
N LYS A 469 34.15 18.17 -15.01
CA LYS A 469 33.41 19.10 -14.16
C LYS A 469 33.73 18.74 -12.72
N ARG A 470 33.25 19.54 -11.78
CA ARG A 470 33.51 19.28 -10.37
C ARG A 470 32.56 18.24 -9.76
N VAL A 471 33.10 17.32 -8.97
CA VAL A 471 32.29 16.30 -8.32
C VAL A 471 31.75 16.86 -7.00
N VAL A 472 30.49 16.60 -6.72
CA VAL A 472 29.89 17.07 -5.47
C VAL A 472 30.28 16.12 -4.34
N PHE A 473 30.97 16.66 -3.33
CA PHE A 473 31.38 15.88 -2.16
C PHE A 473 30.64 16.38 -0.93
N ALA A 474 30.56 15.54 0.10
CA ALA A 474 29.87 15.91 1.32
C ALA A 474 29.83 14.75 2.31
N LYS A 475 29.64 15.06 3.59
CA LYS A 475 29.51 14.01 4.58
C LYS A 475 28.04 13.69 4.40
N ALA A 476 27.70 12.42 4.22
CA ALA A 476 26.31 12.08 3.99
C ALA A 476 25.70 11.15 5.02
N TYR A 477 24.37 11.08 4.98
CA TYR A 477 23.60 10.23 5.87
C TYR A 477 23.55 8.83 5.28
N LYS B 5 -7.27 -24.63 -28.21
CA LYS B 5 -7.24 -24.43 -26.73
C LYS B 5 -8.65 -24.22 -26.17
N GLY B 6 -8.76 -24.26 -24.85
CA GLY B 6 -10.05 -24.07 -24.20
C GLY B 6 -9.93 -23.58 -22.77
N LEU B 7 -10.47 -24.34 -21.82
CA LEU B 7 -10.43 -23.99 -20.40
C LEU B 7 -11.30 -25.01 -19.67
N THR B 8 -10.68 -25.90 -18.89
CA THR B 8 -11.42 -26.93 -18.17
C THR B 8 -12.71 -26.39 -17.58
N PRO B 9 -13.85 -26.93 -18.03
CA PRO B 9 -15.14 -26.46 -17.51
C PRO B 9 -15.26 -26.71 -16.01
N GLN B 10 -16.01 -25.85 -15.33
CA GLN B 10 -16.19 -25.95 -13.89
C GLN B 10 -16.73 -27.30 -13.45
N SER B 11 -17.71 -27.83 -14.18
CA SER B 11 -18.32 -29.12 -13.83
C SER B 11 -17.35 -30.31 -13.95
N GLN B 12 -16.35 -30.19 -14.82
CA GLN B 12 -15.39 -31.28 -14.97
C GLN B 12 -14.41 -31.28 -13.80
N ASP B 13 -13.80 -30.13 -13.53
CA ASP B 13 -12.85 -30.02 -12.43
C ASP B 13 -12.65 -28.55 -12.03
N PHE B 14 -13.46 -28.12 -11.06
CA PHE B 14 -13.44 -26.74 -10.57
C PHE B 14 -12.04 -26.26 -10.18
N SER B 15 -11.32 -27.07 -9.41
CA SER B 15 -9.97 -26.71 -9.01
C SER B 15 -9.12 -26.34 -10.20
N GLU B 16 -9.17 -27.17 -11.23
CA GLU B 16 -8.39 -26.89 -12.43
C GLU B 16 -8.92 -25.64 -13.11
N TRP B 17 -10.24 -25.49 -13.15
CA TRP B 17 -10.82 -24.32 -13.76
C TRP B 17 -10.22 -23.10 -13.10
N TYR B 18 -10.27 -23.08 -11.77
CA TYR B 18 -9.75 -21.98 -10.98
C TYR B 18 -8.30 -21.67 -11.33
N LEU B 19 -7.42 -22.64 -11.09
CA LEU B 19 -6.01 -22.48 -11.38
C LEU B 19 -5.71 -21.96 -12.79
N GLU B 20 -6.39 -22.49 -13.80
CA GLU B 20 -6.16 -22.08 -15.19
C GLU B 20 -6.67 -20.67 -15.49
N VAL B 21 -7.86 -20.34 -15.02
CA VAL B 21 -8.42 -19.03 -15.30
C VAL B 21 -7.51 -17.96 -14.69
N ILE B 22 -6.90 -18.29 -13.55
CA ILE B 22 -5.99 -17.37 -12.89
C ILE B 22 -4.74 -17.16 -13.75
N GLN B 23 -4.26 -18.26 -14.33
CA GLN B 23 -3.08 -18.25 -15.18
C GLN B 23 -3.39 -17.55 -16.50
N LYS B 24 -4.47 -17.97 -17.16
CA LYS B 24 -4.80 -17.40 -18.45
C LYS B 24 -5.23 -15.95 -18.45
N ALA B 25 -5.93 -15.53 -17.39
CA ALA B 25 -6.39 -14.13 -17.30
C ALA B 25 -5.26 -13.25 -16.79
N GLU B 26 -4.14 -13.88 -16.51
CA GLU B 26 -2.94 -13.20 -16.01
C GLU B 26 -3.16 -12.46 -14.71
N LEU B 27 -3.94 -13.07 -13.81
CA LEU B 27 -4.20 -12.48 -12.50
C LEU B 27 -2.94 -12.66 -11.65
N ALA B 28 -2.38 -13.86 -11.72
CA ALA B 28 -1.19 -14.15 -10.95
C ALA B 28 -0.38 -15.28 -11.57
N ASP B 29 0.80 -15.50 -11.03
CA ASP B 29 1.68 -16.55 -11.49
C ASP B 29 2.36 -17.10 -10.25
N TYR B 30 3.01 -18.25 -10.36
CA TYR B 30 3.67 -18.83 -9.21
C TYR B 30 5.09 -18.31 -8.99
N GLY B 31 5.42 -18.03 -7.73
CA GLY B 31 6.74 -17.54 -7.41
C GLY B 31 7.70 -18.71 -7.24
N PRO B 32 9.02 -18.48 -7.33
CA PRO B 32 10.01 -19.54 -7.18
C PRO B 32 9.98 -20.25 -5.83
N VAL B 33 9.47 -19.60 -4.79
CA VAL B 33 9.41 -20.23 -3.49
C VAL B 33 8.05 -20.88 -3.29
N ARG B 34 8.06 -22.13 -2.85
CA ARG B 34 6.83 -22.88 -2.63
C ARG B 34 5.84 -22.13 -1.76
N GLY B 35 4.58 -22.13 -2.18
CA GLY B 35 3.54 -21.46 -1.43
C GLY B 35 3.42 -19.97 -1.73
N THR B 36 4.35 -19.44 -2.51
CA THR B 36 4.32 -18.01 -2.85
C THR B 36 3.91 -17.74 -4.28
N ILE B 37 3.16 -16.66 -4.48
CA ILE B 37 2.71 -16.29 -5.82
C ILE B 37 3.13 -14.89 -6.22
N VAL B 38 2.92 -14.57 -7.48
CA VAL B 38 3.26 -13.25 -7.99
C VAL B 38 1.94 -12.69 -8.50
N VAL B 39 1.54 -11.54 -8.00
CA VAL B 39 0.30 -10.93 -8.44
C VAL B 39 0.63 -10.01 -9.59
N ARG B 40 0.20 -10.40 -10.79
CA ARG B 40 0.45 -9.61 -11.99
C ARG B 40 -0.48 -8.40 -11.99
N PRO B 41 -0.13 -7.36 -12.76
CA PRO B 41 -0.91 -6.12 -12.85
C PRO B 41 -2.44 -6.23 -12.83
N TYR B 42 -3.02 -6.94 -13.79
CA TYR B 42 -4.49 -7.08 -13.85
C TYR B 42 -5.06 -7.58 -12.53
N GLY B 43 -4.41 -8.58 -11.94
CA GLY B 43 -4.88 -9.10 -10.67
C GLY B 43 -4.71 -8.09 -9.54
N TYR B 44 -3.56 -7.43 -9.51
CA TYR B 44 -3.27 -6.45 -8.48
C TYR B 44 -4.19 -5.24 -8.60
N ALA B 45 -4.63 -4.95 -9.82
CA ALA B 45 -5.54 -3.82 -10.05
C ALA B 45 -6.79 -4.07 -9.22
N ILE B 46 -7.22 -5.33 -9.17
CA ILE B 46 -8.41 -5.69 -8.43
C ILE B 46 -8.17 -5.40 -6.95
N TRP B 47 -7.03 -5.84 -6.44
CA TRP B 47 -6.69 -5.61 -5.04
C TRP B 47 -6.70 -4.12 -4.70
N GLU B 48 -6.22 -3.30 -5.64
CA GLU B 48 -6.17 -1.87 -5.40
C GLU B 48 -7.56 -1.28 -5.27
N ASN B 49 -8.49 -1.72 -6.11
CA ASN B 49 -9.84 -1.19 -6.01
C ASN B 49 -10.44 -1.57 -4.67
N ILE B 50 -10.15 -2.79 -4.21
CA ILE B 50 -10.66 -3.22 -2.92
C ILE B 50 -10.09 -2.32 -1.83
N GLN B 51 -8.79 -2.03 -1.91
CA GLN B 51 -8.15 -1.16 -0.92
C GLN B 51 -8.85 0.18 -0.92
N GLN B 52 -8.99 0.77 -2.09
CA GLN B 52 -9.64 2.06 -2.21
C GLN B 52 -10.99 2.12 -1.53
N VAL B 53 -11.85 1.13 -1.81
CA VAL B 53 -13.17 1.12 -1.20
C VAL B 53 -13.06 0.97 0.30
N LEU B 54 -12.43 -0.10 0.77
CA LEU B 54 -12.31 -0.30 2.20
C LEU B 54 -11.69 0.91 2.91
N ASP B 55 -10.61 1.44 2.33
CA ASP B 55 -9.94 2.59 2.94
C ASP B 55 -10.88 3.77 3.15
N ARG B 56 -11.69 4.07 2.14
CA ARG B 56 -12.62 5.17 2.27
C ARG B 56 -13.56 4.87 3.43
N MET B 57 -14.09 3.65 3.46
CA MET B 57 -15.00 3.24 4.51
C MET B 57 -14.36 3.35 5.88
N PHE B 58 -13.17 2.78 6.02
CA PHE B 58 -12.44 2.85 7.29
C PHE B 58 -12.23 4.29 7.73
N LYS B 59 -11.91 5.15 6.79
CA LYS B 59 -11.66 6.56 7.08
C LYS B 59 -12.91 7.28 7.56
N GLU B 60 -14.03 7.04 6.90
CA GLU B 60 -15.29 7.68 7.29
C GLU B 60 -15.74 7.21 8.67
N THR B 61 -15.11 6.16 9.18
CA THR B 61 -15.47 5.68 10.50
C THR B 61 -14.33 5.93 11.48
N GLY B 62 -13.59 7.01 11.21
CA GLY B 62 -12.50 7.43 12.08
C GLY B 62 -11.29 6.56 12.30
N HIS B 63 -10.94 5.71 11.36
CA HIS B 63 -9.76 4.91 11.57
C HIS B 63 -8.58 5.62 10.92
N GLN B 64 -7.37 5.22 11.28
CA GLN B 64 -6.18 5.81 10.73
C GLN B 64 -5.16 4.72 10.44
N ASN B 65 -4.55 4.78 9.27
CA ASN B 65 -3.55 3.79 8.94
C ASN B 65 -2.24 4.08 9.63
N ALA B 66 -1.52 3.02 9.94
CA ALA B 66 -0.22 3.12 10.58
C ALA B 66 0.54 1.92 10.07
N TYR B 67 1.80 1.81 10.44
CA TYR B 67 2.55 0.67 9.98
C TYR B 67 3.46 0.12 11.07
N PHE B 68 3.18 -1.10 11.50
CA PHE B 68 3.97 -1.76 12.52
C PHE B 68 4.93 -2.73 11.85
N PRO B 69 6.01 -3.12 12.55
CA PRO B 69 7.07 -4.02 12.12
C PRO B 69 6.68 -5.39 11.59
N LEU B 70 7.47 -5.86 10.63
CA LEU B 70 7.30 -7.16 10.00
C LEU B 70 7.77 -8.25 10.95
N PHE B 71 8.87 -7.96 11.66
CA PHE B 71 9.49 -8.88 12.60
C PHE B 71 8.95 -8.79 14.02
N ILE B 72 8.56 -9.93 14.57
CA ILE B 72 8.02 -10.00 15.91
C ILE B 72 8.87 -10.90 16.81
N PRO B 73 9.16 -10.45 18.04
CA PRO B 73 9.97 -11.24 18.98
C PRO B 73 9.26 -12.57 19.20
N MET B 74 9.97 -13.67 19.00
CA MET B 74 9.37 -14.98 19.17
C MET B 74 8.65 -15.09 20.52
N SER B 75 9.30 -14.57 21.56
CA SER B 75 8.75 -14.59 22.90
C SER B 75 7.32 -14.04 22.97
N PHE B 76 6.99 -13.11 22.07
CA PHE B 76 5.67 -12.50 22.05
C PHE B 76 4.59 -13.50 21.67
N LEU B 77 5.00 -14.65 21.12
CA LEU B 77 4.07 -15.68 20.70
N PHE B 87 9.04 -24.12 17.30
CA PHE B 87 8.42 -23.00 16.59
C PHE B 87 7.10 -23.45 15.97
N SER B 88 6.02 -22.70 16.22
CA SER B 88 4.73 -23.05 15.67
C SER B 88 4.91 -23.41 14.19
N PRO B 89 4.06 -24.31 13.66
CA PRO B 89 4.16 -24.72 12.25
C PRO B 89 4.00 -23.57 11.25
N GLU B 90 2.89 -22.84 11.33
CA GLU B 90 2.68 -21.73 10.39
C GLU B 90 3.39 -20.48 10.86
N LEU B 91 4.71 -20.48 10.69
CA LEU B 91 5.57 -19.38 11.07
C LEU B 91 6.90 -19.53 10.35
N ALA B 92 7.37 -18.43 9.77
CA ALA B 92 8.64 -18.43 9.09
C ALA B 92 9.53 -17.77 10.13
N VAL B 93 10.71 -18.32 10.38
CA VAL B 93 11.57 -17.75 11.39
C VAL B 93 12.95 -17.30 10.93
N VAL B 94 13.29 -16.07 11.28
CA VAL B 94 14.60 -15.51 10.96
C VAL B 94 15.45 -15.88 12.17
N THR B 95 16.60 -16.49 11.91
CA THR B 95 17.49 -16.91 12.97
C THR B 95 18.85 -16.30 12.72
N HIS B 96 19.15 -16.10 11.45
CA HIS B 96 20.40 -15.51 11.01
C HIS B 96 20.04 -14.12 10.48
N ALA B 97 20.85 -13.12 10.81
CA ALA B 97 20.61 -11.76 10.37
C ALA B 97 21.82 -10.91 10.73
N GLY B 98 22.34 -10.18 9.76
CA GLY B 98 23.49 -9.34 10.02
C GLY B 98 24.78 -10.13 10.00
N GLY B 99 24.70 -11.37 9.52
CA GLY B 99 25.88 -12.21 9.45
C GLY B 99 26.01 -13.13 10.65
N GLU B 100 25.70 -12.62 11.84
CA GLU B 100 25.78 -13.41 13.05
C GLU B 100 24.45 -14.13 13.26
N GLU B 101 24.35 -14.90 14.34
CA GLU B 101 23.12 -15.63 14.66
C GLU B 101 22.40 -14.82 15.73
N LEU B 102 21.10 -14.59 15.53
CA LEU B 102 20.33 -13.79 16.47
C LEU B 102 20.30 -14.32 17.89
N GLU B 103 20.25 -13.41 18.85
CA GLU B 103 20.19 -13.79 20.26
C GLU B 103 18.87 -14.55 20.37
N GLU B 104 17.78 -13.86 20.08
CA GLU B 104 16.45 -14.46 20.11
C GLU B 104 15.95 -14.53 18.67
N PRO B 105 15.40 -15.69 18.28
CA PRO B 105 14.90 -15.84 16.91
C PRO B 105 13.66 -14.97 16.66
N LEU B 106 13.58 -14.42 15.46
CA LEU B 106 12.48 -13.54 15.09
C LEU B 106 11.44 -14.22 14.21
N ALA B 107 10.18 -13.91 14.46
CA ALA B 107 9.08 -14.47 13.68
C ALA B 107 8.59 -13.46 12.65
N VAL B 108 8.25 -13.94 11.46
CA VAL B 108 7.71 -13.05 10.46
C VAL B 108 6.22 -13.00 10.79
N ARG B 109 5.74 -11.82 11.11
CA ARG B 109 4.35 -11.63 11.52
C ARG B 109 3.29 -12.43 10.79
N PRO B 110 2.47 -13.16 11.55
CA PRO B 110 1.39 -13.96 10.97
C PRO B 110 0.12 -13.13 11.17
N THR B 111 0.26 -12.13 12.03
CA THR B 111 -0.81 -11.20 12.37
C THR B 111 -0.12 -10.20 13.33
N SER B 112 -0.68 -9.01 13.50
CA SER B 112 -0.01 -7.99 14.33
C SER B 112 -0.47 -7.67 15.76
N GLU B 113 -1.51 -8.33 16.26
CA GLU B 113 -2.04 -8.08 17.61
C GLU B 113 -0.97 -7.81 18.66
N THR B 114 -0.07 -8.77 18.83
CA THR B 114 1.00 -8.66 19.82
C THR B 114 1.81 -7.37 19.77
N VAL B 115 2.54 -7.14 18.68
CA VAL B 115 3.35 -5.94 18.57
C VAL B 115 2.56 -4.67 18.80
N ILE B 116 1.33 -4.64 18.31
CA ILE B 116 0.51 -3.45 18.50
C ILE B 116 0.19 -3.33 19.99
N GLY B 117 -0.06 -4.48 20.63
CA GLY B 117 -0.37 -4.48 22.05
C GLY B 117 0.81 -3.88 22.80
N TYR B 118 2.00 -4.39 22.50
CA TYR B 118 3.22 -3.90 23.11
C TYR B 118 3.26 -2.37 23.03
N MET B 119 3.07 -1.83 21.82
CA MET B 119 3.09 -0.39 21.62
C MET B 119 1.93 0.30 22.34
N TRP B 120 0.76 -0.33 22.32
CA TRP B 120 -0.40 0.24 22.96
C TRP B 120 -0.14 0.37 24.46
N SER B 121 0.58 -0.60 24.98
CA SER B 121 0.92 -0.62 26.39
C SER B 121 1.60 0.67 26.80
N LYS B 122 2.51 1.16 25.97
CA LYS B 122 3.22 2.39 26.28
C LYS B 122 2.54 3.68 25.82
N TRP B 123 1.63 3.60 24.86
CA TRP B 123 0.96 4.81 24.40
C TRP B 123 -0.27 5.15 25.22
N ILE B 124 -1.02 4.14 25.63
CA ILE B 124 -2.23 4.42 26.38
C ILE B 124 -1.98 4.65 27.87
N ARG B 125 -2.45 5.80 28.33
CA ARG B 125 -2.31 6.20 29.72
C ARG B 125 -3.69 6.57 30.28
N SER B 126 -4.30 7.63 29.76
CA SER B 126 -5.60 8.01 30.26
C SER B 126 -6.72 7.66 29.28
N TRP B 127 -7.94 8.05 29.62
CA TRP B 127 -9.10 7.78 28.77
C TRP B 127 -9.14 8.79 27.62
N ARG B 128 -8.09 9.59 27.51
CA ARG B 128 -7.98 10.58 26.43
C ARG B 128 -7.25 9.94 25.26
N ASP B 129 -6.58 8.82 25.53
CA ASP B 129 -5.85 8.08 24.52
C ASP B 129 -6.76 7.07 23.88
N LEU B 130 -8.04 7.17 24.14
CA LEU B 130 -8.98 6.21 23.59
C LEU B 130 -10.16 6.93 22.98
N PRO B 131 -10.85 6.29 22.02
CA PRO B 131 -10.48 4.95 21.55
C PRO B 131 -9.29 4.95 20.59
N GLN B 132 -8.74 3.77 20.37
CA GLN B 132 -7.61 3.57 19.49
C GLN B 132 -8.18 2.97 18.21
N LEU B 133 -8.15 3.71 17.10
CA LEU B 133 -8.71 3.20 15.85
C LEU B 133 -7.66 3.02 14.74
N LEU B 134 -6.97 1.89 14.78
CA LEU B 134 -5.91 1.64 13.83
C LEU B 134 -6.15 0.61 12.74
N ASN B 135 -5.55 0.86 11.59
CA ASN B 135 -5.63 -0.05 10.47
C ASN B 135 -4.27 -0.09 9.80
N GLN B 136 -3.92 -1.26 9.28
CA GLN B 136 -2.65 -1.44 8.62
C GLN B 136 -2.80 -2.29 7.37
N TRP B 137 -2.30 -1.77 6.25
CA TRP B 137 -2.34 -2.50 4.98
C TRP B 137 -0.98 -3.10 4.84
N GLY B 138 -0.90 -4.41 4.68
CA GLY B 138 0.41 -5.02 4.51
C GLY B 138 0.37 -6.50 4.20
N ASN B 139 1.54 -7.11 4.33
CA ASN B 139 1.70 -8.53 4.07
C ASN B 139 1.96 -9.28 5.37
N VAL B 140 1.59 -10.56 5.39
CA VAL B 140 1.79 -11.42 6.55
C VAL B 140 2.14 -12.80 6.02
N VAL B 141 2.89 -13.56 6.80
CA VAL B 141 3.29 -14.90 6.40
C VAL B 141 2.76 -15.96 7.36
N ARG B 142 2.08 -16.95 6.78
CA ARG B 142 1.53 -18.08 7.52
C ARG B 142 1.89 -19.25 6.64
N TRP B 143 3.01 -19.87 6.95
CA TRP B 143 3.52 -20.96 6.15
C TRP B 143 2.54 -21.99 5.65
N GLU B 144 2.77 -22.38 4.40
CA GLU B 144 2.00 -23.37 3.67
C GLU B 144 2.87 -23.71 2.46
N MET B 145 3.30 -24.97 2.37
CA MET B 145 4.17 -25.41 1.27
C MET B 145 3.38 -25.79 0.01
N ARG B 146 2.05 -25.83 0.12
CA ARG B 146 1.18 -26.17 -1.00
C ARG B 146 0.48 -24.89 -1.48
N THR B 147 0.57 -24.59 -2.77
CA THR B 147 -0.02 -23.38 -3.34
C THR B 147 -1.44 -23.45 -3.91
N ARG B 148 -2.12 -22.30 -3.88
CA ARG B 148 -3.47 -22.11 -4.40
C ARG B 148 -3.71 -20.62 -4.39
N PRO B 149 -3.33 -19.94 -5.48
CA PRO B 149 -3.46 -18.50 -5.66
C PRO B 149 -4.68 -17.83 -5.07
N PHE B 150 -4.42 -16.87 -4.17
CA PHE B 150 -5.44 -16.09 -3.51
C PHE B 150 -6.22 -16.83 -2.42
N LEU B 151 -6.23 -18.16 -2.48
CA LEU B 151 -6.98 -18.91 -1.48
C LEU B 151 -6.14 -19.33 -0.28
N ARG B 152 -4.93 -19.77 -0.54
CA ARG B 152 -4.06 -20.18 0.56
C ARG B 152 -2.60 -20.17 0.12
N THR B 153 -1.86 -19.16 0.60
CA THR B 153 -0.46 -18.99 0.26
C THR B 153 0.38 -18.59 1.48
N SER B 154 1.68 -18.93 1.43
CA SER B 154 2.60 -18.61 2.51
C SER B 154 2.50 -17.13 2.90
N GLU B 155 2.74 -16.25 1.93
CA GLU B 155 2.64 -14.81 2.16
C GLU B 155 1.39 -14.31 1.46
N PHE B 156 0.75 -13.30 2.02
CA PHE B 156 -0.44 -12.73 1.38
C PHE B 156 -0.70 -11.31 1.87
N LEU B 157 -1.33 -10.52 1.02
CA LEU B 157 -1.62 -9.13 1.38
C LEU B 157 -2.99 -9.07 2.00
N TRP B 158 -3.17 -8.11 2.91
CA TRP B 158 -4.46 -7.92 3.54
C TRP B 158 -4.47 -6.58 4.26
N GLN B 159 -5.55 -6.36 4.98
CA GLN B 159 -5.75 -5.15 5.73
C GLN B 159 -6.12 -5.67 7.12
N GLU B 160 -5.38 -5.28 8.15
CA GLU B 160 -5.71 -5.73 9.50
C GLU B 160 -5.93 -4.54 10.42
N GLY B 161 -7.16 -4.41 10.89
CA GLY B 161 -7.52 -3.33 11.78
C GLY B 161 -7.39 -3.75 13.22
N HIS B 162 -7.10 -2.79 14.08
CA HIS B 162 -6.95 -3.03 15.51
C HIS B 162 -7.45 -1.82 16.26
N THR B 163 -8.35 -2.04 17.23
CA THR B 163 -8.85 -0.93 18.02
C THR B 163 -8.75 -1.25 19.50
N ALA B 164 -8.76 -0.21 20.32
CA ALA B 164 -8.70 -0.35 21.77
C ALA B 164 -9.75 0.59 22.33
N HIS B 165 -10.61 0.06 23.19
CA HIS B 165 -11.67 0.86 23.78
C HIS B 165 -11.65 0.87 25.29
N ALA B 166 -12.35 1.84 25.86
CA ALA B 166 -12.44 1.99 27.31
C ALA B 166 -13.52 1.02 27.85
N THR B 167 -14.61 0.87 27.11
CA THR B 167 -15.70 -0.01 27.53
C THR B 167 -15.89 -1.21 26.62
N ARG B 168 -16.42 -2.29 27.18
CA ARG B 168 -16.68 -3.53 26.44
C ARG B 168 -17.80 -3.30 25.41
N GLU B 169 -18.63 -2.27 25.62
CA GLU B 169 -19.72 -1.98 24.70
C GLU B 169 -19.25 -1.31 23.42
N GLU B 170 -18.41 -0.29 23.58
CA GLU B 170 -17.87 0.46 22.44
C GLU B 170 -17.06 -0.50 21.56
N ALA B 171 -16.34 -1.41 22.20
CA ALA B 171 -15.53 -2.39 21.49
C ALA B 171 -16.40 -3.28 20.62
N GLU B 172 -17.47 -3.81 21.22
CA GLU B 172 -18.37 -4.69 20.48
C GLU B 172 -19.10 -3.96 19.37
N GLU B 173 -19.41 -2.69 19.59
CA GLU B 173 -20.10 -1.94 18.54
C GLU B 173 -19.12 -1.80 17.39
N GLU B 174 -17.83 -1.66 17.70
CA GLU B 174 -16.81 -1.55 16.67
C GLU B 174 -16.75 -2.87 15.89
N VAL B 175 -16.64 -3.99 16.62
CA VAL B 175 -16.57 -5.31 15.99
C VAL B 175 -17.67 -5.47 14.95
N ARG B 176 -18.88 -5.03 15.30
CA ARG B 176 -19.99 -5.12 14.37
C ARG B 176 -19.85 -4.15 13.21
N ARG B 177 -19.60 -2.89 13.54
CA ARG B 177 -19.45 -1.85 12.53
C ARG B 177 -18.55 -2.28 11.38
N MET B 178 -17.44 -2.94 11.71
CA MET B 178 -16.51 -3.38 10.70
C MET B 178 -17.05 -4.53 9.87
N LEU B 179 -17.60 -5.56 10.50
CA LEU B 179 -18.14 -6.70 9.76
C LEU B 179 -19.17 -6.21 8.75
N SER B 180 -19.91 -5.18 9.13
CA SER B 180 -20.91 -4.63 8.24
C SER B 180 -20.22 -4.01 7.05
N ILE B 181 -19.08 -3.37 7.29
CA ILE B 181 -18.32 -2.75 6.21
C ILE B 181 -17.90 -3.86 5.24
N TYR B 182 -17.33 -4.93 5.79
CA TYR B 182 -16.90 -6.06 4.98
C TYR B 182 -18.08 -6.55 4.16
N ALA B 183 -19.25 -6.62 4.80
CA ALA B 183 -20.44 -7.09 4.13
C ALA B 183 -20.88 -6.13 3.03
N ARG B 184 -20.70 -4.83 3.26
CA ARG B 184 -21.10 -3.86 2.26
C ARG B 184 -20.16 -4.00 1.07
N LEU B 185 -18.88 -4.25 1.36
CA LEU B 185 -17.91 -4.41 0.29
C LEU B 185 -18.32 -5.58 -0.57
N ALA B 186 -18.66 -6.68 0.07
CA ALA B 186 -19.05 -7.90 -0.65
C ALA B 186 -20.35 -7.76 -1.44
N ARG B 187 -21.35 -7.11 -0.85
CA ARG B 187 -22.63 -6.97 -1.52
C ARG B 187 -22.78 -5.84 -2.52
N GLU B 188 -22.32 -4.65 -2.16
CA GLU B 188 -22.47 -3.49 -3.04
C GLU B 188 -21.34 -3.29 -4.04
N TYR B 189 -20.23 -4.01 -3.86
CA TYR B 189 -19.09 -3.87 -4.75
C TYR B 189 -18.67 -5.14 -5.46
N ALA B 190 -18.65 -6.26 -4.73
CA ALA B 190 -18.27 -7.54 -5.31
C ALA B 190 -19.49 -8.29 -5.82
N ALA B 191 -20.67 -7.84 -5.40
CA ALA B 191 -21.92 -8.48 -5.78
C ALA B 191 -21.93 -9.93 -5.28
N ILE B 192 -21.15 -10.18 -4.23
CA ILE B 192 -21.05 -11.50 -3.62
C ILE B 192 -21.96 -11.57 -2.39
N PRO B 193 -23.02 -12.40 -2.45
CA PRO B 193 -23.90 -12.47 -1.27
C PRO B 193 -23.18 -13.17 -0.12
N VAL B 194 -23.49 -12.79 1.11
CA VAL B 194 -22.85 -13.40 2.28
C VAL B 194 -23.75 -13.50 3.52
N ILE B 195 -23.36 -14.40 4.43
CA ILE B 195 -24.10 -14.59 5.68
C ILE B 195 -23.31 -13.97 6.84
N GLU B 196 -23.91 -13.01 7.52
CA GLU B 196 -23.26 -12.37 8.67
C GLU B 196 -23.55 -13.24 9.90
N GLY B 197 -22.52 -13.87 10.45
CA GLY B 197 -22.74 -14.72 11.61
C GLY B 197 -21.62 -14.78 12.64
N LEU B 198 -21.76 -15.72 13.56
CA LEU B 198 -20.79 -15.88 14.64
C LEU B 198 -20.14 -17.27 14.65
N LYS B 199 -18.82 -17.31 14.61
CA LYS B 199 -18.09 -18.58 14.63
C LYS B 199 -18.40 -19.31 15.94
N THR B 200 -18.14 -20.61 15.98
CA THR B 200 -18.37 -21.37 17.21
C THR B 200 -17.04 -21.43 17.93
N GLU B 201 -17.07 -21.80 19.21
CA GLU B 201 -15.86 -21.88 20.02
C GLU B 201 -14.72 -22.61 19.29
N LYS B 202 -15.04 -23.72 18.64
CA LYS B 202 -14.04 -24.49 17.93
C LYS B 202 -13.45 -23.72 16.75
N GLU B 203 -14.31 -22.98 16.06
CA GLU B 203 -13.92 -22.23 14.86
C GLU B 203 -13.45 -20.78 14.99
N LYS B 204 -13.49 -20.21 16.18
CA LYS B 204 -13.10 -18.82 16.34
C LYS B 204 -11.58 -18.57 16.38
N PHE B 205 -11.20 -17.30 16.53
CA PHE B 205 -9.80 -16.92 16.63
C PHE B 205 -9.33 -17.31 18.02
N ALA B 206 -8.17 -17.94 18.07
CA ALA B 206 -7.59 -18.40 19.33
C ALA B 206 -7.66 -17.36 20.44
N GLY B 207 -6.97 -16.24 20.25
CA GLY B 207 -6.97 -15.21 21.29
C GLY B 207 -8.21 -14.36 21.45
N ALA B 208 -9.24 -14.60 20.65
CA ALA B 208 -10.45 -13.80 20.74
C ALA B 208 -11.49 -14.36 21.69
N VAL B 209 -12.35 -13.47 22.17
CA VAL B 209 -13.46 -13.86 23.05
C VAL B 209 -14.44 -14.56 22.11
N TYR B 210 -14.82 -13.86 21.05
CA TYR B 210 -15.69 -14.41 20.03
C TYR B 210 -15.30 -13.86 18.64
N THR B 211 -15.75 -14.53 17.58
CA THR B 211 -15.40 -14.13 16.22
C THR B 211 -16.62 -14.00 15.30
N THR B 212 -16.76 -12.85 14.66
CA THR B 212 -17.86 -12.65 13.72
C THR B 212 -17.25 -12.83 12.33
N THR B 213 -18.08 -13.21 11.36
CA THR B 213 -17.58 -13.48 10.02
C THR B 213 -18.66 -13.31 8.98
N ILE B 214 -18.24 -13.26 7.72
CA ILE B 214 -19.15 -13.18 6.59
C ILE B 214 -18.80 -14.39 5.74
N GLU B 215 -19.79 -15.25 5.49
CA GLU B 215 -19.55 -16.47 4.71
C GLU B 215 -20.18 -16.42 3.32
N ALA B 216 -19.39 -16.82 2.34
CA ALA B 216 -19.85 -16.84 0.96
C ALA B 216 -19.85 -18.26 0.40
N LEU B 217 -20.67 -18.48 -0.62
CA LEU B 217 -20.76 -19.80 -1.25
C LEU B 217 -20.19 -19.78 -2.67
N MET B 218 -19.13 -20.55 -2.90
CA MET B 218 -18.50 -20.57 -4.21
C MET B 218 -19.33 -21.42 -5.17
N LYS B 219 -19.15 -21.21 -6.46
CA LYS B 219 -19.92 -21.95 -7.46
C LYS B 219 -19.70 -23.47 -7.40
N ASP B 220 -18.71 -23.91 -6.63
CA ASP B 220 -18.48 -25.34 -6.53
C ASP B 220 -19.15 -25.87 -5.28
N GLY B 221 -19.94 -25.03 -4.63
CA GLY B 221 -20.62 -25.48 -3.43
C GLY B 221 -19.89 -25.30 -2.12
N LYS B 222 -18.56 -25.17 -2.14
CA LYS B 222 -17.80 -24.99 -0.91
C LYS B 222 -17.99 -23.57 -0.35
N ALA B 223 -17.80 -23.42 0.95
CA ALA B 223 -17.95 -22.10 1.56
C ALA B 223 -16.61 -21.39 1.72
N LEU B 224 -16.69 -20.07 1.81
CA LEU B 224 -15.48 -19.25 1.95
C LEU B 224 -15.70 -18.11 2.93
N GLN B 225 -14.74 -17.95 3.83
CA GLN B 225 -14.77 -16.91 4.84
C GLN B 225 -14.15 -15.66 4.21
N ALA B 226 -15.00 -14.71 3.82
CA ALA B 226 -14.52 -13.48 3.16
C ALA B 226 -13.81 -12.50 4.11
N GLY B 227 -14.29 -12.42 5.34
CA GLY B 227 -13.70 -11.51 6.30
C GLY B 227 -14.15 -11.77 7.73
N THR B 228 -13.28 -11.48 8.68
CA THR B 228 -13.63 -11.69 10.08
C THR B 228 -13.45 -10.45 10.93
N SER B 229 -14.15 -10.40 12.05
CA SER B 229 -14.11 -9.28 12.97
C SER B 229 -14.18 -9.87 14.36
N HIS B 230 -13.11 -9.71 15.14
CA HIS B 230 -13.02 -10.28 16.48
C HIS B 230 -13.18 -9.34 17.67
N TYR B 231 -13.81 -9.86 18.72
CA TYR B 231 -13.94 -9.11 19.96
C TYR B 231 -12.90 -9.82 20.81
N LEU B 232 -11.87 -9.09 21.22
CA LEU B 232 -10.79 -9.67 22.00
C LEU B 232 -10.88 -9.44 23.50
N GLY B 233 -11.94 -8.78 23.94
CA GLY B 233 -12.07 -8.53 25.36
C GLY B 233 -10.80 -7.91 25.92
N GLU B 234 -10.33 -8.44 27.04
CA GLU B 234 -9.13 -7.90 27.67
C GLU B 234 -7.95 -8.85 27.57
N ASN B 235 -8.07 -9.84 26.69
CA ASN B 235 -7.02 -10.84 26.53
C ASN B 235 -5.66 -10.23 26.23
N PHE B 236 -5.59 -9.39 25.22
CA PHE B 236 -4.32 -8.79 24.89
C PHE B 236 -3.97 -7.66 25.84
N ALA B 237 -4.99 -6.96 26.32
CA ALA B 237 -4.76 -5.88 27.27
C ALA B 237 -4.00 -6.51 28.43
N ARG B 238 -4.55 -7.59 28.96
CA ARG B 238 -3.93 -8.29 30.08
C ARG B 238 -2.59 -8.88 29.72
N ALA B 239 -2.52 -9.56 28.59
CA ALA B 239 -1.28 -10.18 28.17
C ALA B 239 -0.16 -9.17 27.99
N PHE B 240 -0.52 -7.97 27.56
CA PHE B 240 0.49 -6.96 27.30
C PHE B 240 0.42 -5.75 28.21
N ASP B 241 -0.40 -5.88 29.25
CA ASP B 241 -0.53 -4.81 30.23
C ASP B 241 -0.95 -3.50 29.57
N ILE B 242 -2.19 -3.43 29.11
CA ILE B 242 -2.69 -2.22 28.47
C ILE B 242 -3.81 -1.64 29.32
N LYS B 243 -3.44 -0.74 30.23
CA LYS B 243 -4.43 -0.12 31.12
C LYS B 243 -4.48 1.39 30.94
N PHE B 244 -5.51 2.01 31.52
CA PHE B 244 -5.66 3.45 31.45
C PHE B 244 -6.43 3.94 32.67
N GLN B 245 -6.26 5.21 33.00
CA GLN B 245 -6.93 5.80 34.15
C GLN B 245 -8.22 6.42 33.63
N ASP B 246 -9.35 5.83 33.99
CA ASP B 246 -10.65 6.33 33.56
C ASP B 246 -10.94 7.68 34.21
N ARG B 247 -12.09 8.26 33.89
CA ARG B 247 -12.47 9.55 34.45
C ARG B 247 -12.75 9.43 35.94
N ASP B 248 -13.16 8.24 36.35
CA ASP B 248 -13.44 7.96 37.74
C ASP B 248 -12.12 7.58 38.44
N LEU B 249 -11.04 8.20 37.98
CA LEU B 249 -9.70 7.97 38.52
C LEU B 249 -9.34 6.49 38.74
N GLN B 250 -10.05 5.61 38.06
CA GLN B 250 -9.81 4.17 38.19
C GLN B 250 -8.93 3.63 37.04
N VAL B 251 -7.90 2.86 37.39
CA VAL B 251 -7.02 2.30 36.37
C VAL B 251 -7.54 0.94 35.92
N LYS B 252 -8.08 0.89 34.70
CA LYS B 252 -8.64 -0.34 34.17
C LYS B 252 -8.03 -0.87 32.86
N TYR B 253 -8.50 -2.03 32.45
CA TYR B 253 -8.05 -2.69 31.23
C TYR B 253 -8.91 -2.28 30.05
N VAL B 254 -8.28 -2.08 28.90
CA VAL B 254 -8.99 -1.68 27.69
C VAL B 254 -9.58 -2.89 26.98
N HIS B 255 -10.54 -2.61 26.08
CA HIS B 255 -11.15 -3.67 25.31
C HIS B 255 -10.75 -3.49 23.86
N THR B 256 -10.07 -4.49 23.31
CA THR B 256 -9.62 -4.40 21.94
C THR B 256 -10.36 -5.30 20.96
N THR B 257 -10.37 -4.88 19.70
CA THR B 257 -11.02 -5.62 18.64
C THR B 257 -9.98 -5.81 17.55
N SER B 258 -10.31 -6.65 16.59
CA SER B 258 -9.39 -6.95 15.49
C SER B 258 -10.24 -7.39 14.31
N TRP B 259 -9.88 -6.95 13.12
CA TRP B 259 -10.63 -7.33 11.92
C TRP B 259 -9.71 -7.34 10.73
N GLY B 260 -9.98 -8.23 9.79
CA GLY B 260 -9.13 -8.30 8.63
C GLY B 260 -9.76 -8.94 7.41
N LEU B 261 -9.31 -8.50 6.25
CA LEU B 261 -9.78 -9.00 4.98
C LEU B 261 -8.53 -9.10 4.08
N SER B 262 -8.31 -10.27 3.48
CA SER B 262 -7.14 -10.46 2.63
C SER B 262 -7.48 -10.58 1.15
N TRP B 263 -6.47 -10.79 0.32
CA TRP B 263 -6.72 -10.90 -1.11
C TRP B 263 -7.50 -12.15 -1.44
N ARG B 264 -7.81 -12.92 -0.41
CA ARG B 264 -8.60 -14.11 -0.60
C ARG B 264 -9.95 -13.64 -1.15
N PHE B 265 -10.29 -12.40 -0.85
CA PHE B 265 -11.54 -11.82 -1.31
C PHE B 265 -11.55 -11.82 -2.84
N ILE B 266 -10.37 -11.85 -3.45
CA ILE B 266 -10.27 -11.89 -4.90
C ILE B 266 -10.70 -13.28 -5.33
N GLY B 267 -10.22 -14.28 -4.61
CA GLY B 267 -10.59 -15.64 -4.91
C GLY B 267 -12.11 -15.78 -4.87
N ALA B 268 -12.72 -15.12 -3.89
CA ALA B 268 -14.16 -15.17 -3.76
C ALA B 268 -14.82 -14.61 -5.01
N ILE B 269 -14.28 -13.51 -5.52
CA ILE B 269 -14.84 -12.88 -6.70
C ILE B 269 -14.78 -13.83 -7.89
N ILE B 270 -13.64 -14.49 -8.06
CA ILE B 270 -13.45 -15.43 -9.15
C ILE B 270 -14.38 -16.63 -9.08
N MET B 271 -14.47 -17.25 -7.90
CA MET B 271 -15.30 -18.43 -7.72
C MET B 271 -16.80 -18.17 -7.52
N THR B 272 -17.21 -16.92 -7.36
CA THR B 272 -18.62 -16.64 -7.17
C THR B 272 -19.30 -16.33 -8.50
N HIS B 273 -18.58 -15.66 -9.39
CA HIS B 273 -19.16 -15.27 -10.67
C HIS B 273 -18.54 -15.93 -11.90
N GLY B 274 -17.39 -16.55 -11.74
CA GLY B 274 -16.73 -17.17 -12.89
C GLY B 274 -17.57 -18.21 -13.59
N ASP B 275 -17.46 -18.27 -14.91
CA ASP B 275 -18.19 -19.25 -15.67
C ASP B 275 -17.19 -20.02 -16.54
N ASP B 276 -17.70 -20.83 -17.48
CA ASP B 276 -16.81 -21.62 -18.32
C ASP B 276 -16.03 -20.83 -19.37
N ARG B 277 -16.33 -19.55 -19.52
CA ARG B 277 -15.60 -18.73 -20.48
C ARG B 277 -14.47 -17.99 -19.77
N GLY B 278 -14.47 -18.05 -18.44
CA GLY B 278 -13.43 -17.40 -17.67
C GLY B 278 -13.96 -16.53 -16.55
N LEU B 279 -13.29 -15.39 -16.33
CA LEU B 279 -13.72 -14.49 -15.28
C LEU B 279 -14.91 -13.69 -15.73
N VAL B 280 -15.58 -13.11 -14.74
CA VAL B 280 -16.73 -12.23 -14.91
C VAL B 280 -16.52 -11.34 -13.68
N LEU B 281 -15.95 -10.16 -13.89
CA LEU B 281 -15.67 -9.27 -12.78
C LEU B 281 -16.75 -8.24 -12.50
N PRO B 282 -17.07 -8.03 -11.21
CA PRO B 282 -18.09 -7.06 -10.87
C PRO B 282 -17.64 -5.67 -11.33
N PRO B 283 -18.53 -4.91 -11.99
CA PRO B 283 -18.26 -3.57 -12.50
C PRO B 283 -17.58 -2.62 -11.52
N ARG B 284 -18.07 -2.61 -10.29
CA ARG B 284 -17.53 -1.74 -9.26
C ARG B 284 -16.11 -2.06 -8.80
N LEU B 285 -15.54 -3.16 -9.26
CA LEU B 285 -14.19 -3.50 -8.86
C LEU B 285 -13.29 -3.90 -10.01
N ALA B 286 -13.89 -3.99 -11.19
CA ALA B 286 -13.14 -4.39 -12.38
C ALA B 286 -12.10 -3.37 -12.83
N PRO B 287 -10.86 -3.83 -13.08
CA PRO B 287 -9.81 -2.92 -13.53
C PRO B 287 -10.26 -2.22 -14.80
N ILE B 288 -10.80 -2.99 -15.75
CA ILE B 288 -11.31 -2.44 -16.99
C ILE B 288 -12.81 -2.68 -17.01
N GLN B 289 -13.58 -1.60 -17.18
CA GLN B 289 -15.03 -1.68 -17.21
C GLN B 289 -15.57 -1.88 -18.61
N VAL B 290 -15.09 -1.05 -19.53
CA VAL B 290 -15.49 -1.17 -20.93
C VAL B 290 -14.22 -1.36 -21.75
N VAL B 291 -14.21 -2.40 -22.58
CA VAL B 291 -13.06 -2.62 -23.44
C VAL B 291 -13.57 -2.32 -24.84
N ILE B 292 -12.85 -1.47 -25.57
CA ILE B 292 -13.23 -1.13 -26.94
C ILE B 292 -12.40 -1.95 -27.91
N VAL B 293 -13.08 -2.72 -28.75
CA VAL B 293 -12.41 -3.54 -29.74
C VAL B 293 -12.73 -3.03 -31.13
N PRO B 294 -11.75 -2.40 -31.79
CA PRO B 294 -11.96 -1.84 -33.13
C PRO B 294 -11.95 -2.99 -34.14
N ILE B 295 -12.72 -2.85 -35.21
CA ILE B 295 -12.82 -3.88 -36.24
C ILE B 295 -12.60 -3.26 -37.61
N TYR B 296 -11.53 -3.65 -38.29
CA TYR B 296 -11.23 -3.07 -39.58
C TYR B 296 -10.51 -3.97 -40.57
N LYS B 297 -10.26 -3.39 -41.74
CA LYS B 297 -9.54 -4.00 -42.83
C LYS B 297 -8.48 -2.92 -43.10
N ASP B 298 -7.51 -3.18 -43.96
CA ASP B 298 -6.49 -2.17 -44.20
C ASP B 298 -7.03 -0.79 -44.57
N GLU B 299 -8.06 -0.74 -45.41
CA GLU B 299 -8.57 0.55 -45.82
C GLU B 299 -9.44 1.24 -44.77
N SER B 300 -9.97 0.48 -43.81
CA SER B 300 -10.82 1.07 -42.77
C SER B 300 -10.01 1.50 -41.54
N ARG B 301 -8.92 0.78 -41.26
CA ARG B 301 -8.09 1.03 -40.09
C ARG B 301 -7.94 2.47 -39.60
N GLU B 302 -7.41 3.36 -40.44
CA GLU B 302 -7.21 4.75 -40.04
C GLU B 302 -8.50 5.37 -39.45
N ARG B 303 -9.50 5.53 -40.30
CA ARG B 303 -10.75 6.12 -39.86
C ARG B 303 -11.37 5.37 -38.68
N VAL B 304 -11.32 4.03 -38.71
CA VAL B 304 -11.90 3.26 -37.61
C VAL B 304 -11.17 3.45 -36.29
N LEU B 305 -9.84 3.46 -36.34
CA LEU B 305 -9.10 3.64 -35.10
C LEU B 305 -9.33 5.03 -34.53
N GLU B 306 -9.45 6.03 -35.39
CA GLU B 306 -9.69 7.40 -34.92
C GLU B 306 -11.01 7.45 -34.15
N ALA B 307 -12.03 6.78 -34.67
CA ALA B 307 -13.32 6.77 -33.99
C ALA B 307 -13.17 6.16 -32.63
N ALA B 308 -12.55 4.98 -32.59
CA ALA B 308 -12.33 4.28 -31.35
C ALA B 308 -11.71 5.18 -30.29
N GLN B 309 -10.71 5.96 -30.67
CA GLN B 309 -10.04 6.84 -29.75
C GLN B 309 -10.96 7.97 -29.29
N GLY B 310 -11.81 8.41 -30.21
CA GLY B 310 -12.76 9.46 -29.86
C GLY B 310 -13.67 8.88 -28.81
N LEU B 311 -14.14 7.67 -29.04
CA LEU B 311 -15.02 7.00 -28.11
C LEU B 311 -14.29 6.80 -26.79
N ARG B 312 -13.03 6.41 -26.85
CA ARG B 312 -12.28 6.20 -25.62
C ARG B 312 -12.31 7.46 -24.75
N GLN B 313 -12.14 8.62 -25.38
CA GLN B 313 -12.17 9.88 -24.66
C GLN B 313 -13.54 10.11 -24.03
N ALA B 314 -14.58 10.05 -24.85
CA ALA B 314 -15.93 10.25 -24.36
C ALA B 314 -16.24 9.37 -23.16
N LEU B 315 -15.76 8.14 -23.15
CA LEU B 315 -16.05 7.25 -22.04
C LEU B 315 -15.21 7.62 -20.83
N LEU B 316 -13.95 7.96 -21.05
CA LEU B 316 -13.08 8.33 -19.95
C LEU B 316 -13.73 9.49 -19.22
N ALA B 317 -14.34 10.38 -19.99
CA ALA B 317 -15.02 11.54 -19.43
C ALA B 317 -16.14 11.16 -18.49
N GLN B 318 -16.90 10.14 -18.85
CA GLN B 318 -17.99 9.71 -17.98
C GLN B 318 -17.43 9.08 -16.73
N GLY B 319 -16.12 9.16 -16.57
CA GLY B 319 -15.48 8.60 -15.39
C GLY B 319 -15.36 7.09 -15.44
N LEU B 320 -15.59 6.51 -16.62
CA LEU B 320 -15.51 5.07 -16.80
C LEU B 320 -14.09 4.56 -16.99
N ARG B 321 -13.85 3.33 -16.57
CA ARG B 321 -12.54 2.71 -16.74
C ARG B 321 -12.57 1.98 -18.08
N VAL B 322 -11.99 2.61 -19.09
CA VAL B 322 -12.01 2.05 -20.44
C VAL B 322 -10.63 1.66 -20.98
N HIS B 323 -10.62 0.67 -21.87
CA HIS B 323 -9.40 0.19 -22.50
C HIS B 323 -9.63 -0.02 -23.97
N LEU B 324 -8.74 0.52 -24.80
CA LEU B 324 -8.84 0.35 -26.25
C LEU B 324 -7.85 -0.71 -26.70
N ASP B 325 -8.35 -1.82 -27.24
CA ASP B 325 -7.45 -2.88 -27.68
C ASP B 325 -6.95 -2.63 -29.11
N ASP B 326 -5.88 -1.83 -29.23
CA ASP B 326 -5.25 -1.48 -30.51
C ASP B 326 -4.40 -2.59 -31.11
N ARG B 327 -3.97 -3.56 -30.30
CA ARG B 327 -3.13 -4.63 -30.79
C ARG B 327 -3.53 -5.07 -32.21
N ASP B 328 -2.66 -4.78 -33.18
CA ASP B 328 -2.95 -5.13 -34.57
C ASP B 328 -2.56 -6.57 -34.93
N GLN B 329 -1.80 -7.21 -34.06
CA GLN B 329 -1.36 -8.57 -34.30
C GLN B 329 -2.43 -9.58 -33.96
N HIS B 330 -3.62 -9.11 -33.60
CA HIS B 330 -4.70 -10.02 -33.25
C HIS B 330 -5.96 -9.67 -33.99
N THR B 331 -6.80 -10.67 -34.21
CA THR B 331 -8.05 -10.46 -34.91
C THR B 331 -9.15 -10.18 -33.92
N PRO B 332 -10.23 -9.53 -34.38
CA PRO B 332 -11.38 -9.19 -33.53
C PRO B 332 -11.87 -10.38 -32.72
N GLY B 333 -12.08 -11.50 -33.41
CA GLY B 333 -12.57 -12.69 -32.73
C GLY B 333 -11.69 -13.15 -31.60
N TYR B 334 -10.37 -12.99 -31.80
CA TYR B 334 -9.40 -13.37 -30.79
C TYR B 334 -9.63 -12.51 -29.56
N LYS B 335 -9.68 -11.21 -29.78
CA LYS B 335 -9.89 -10.23 -28.71
C LYS B 335 -11.18 -10.48 -27.94
N PHE B 336 -12.27 -10.72 -28.68
CA PHE B 336 -13.54 -11.01 -28.06
C PHE B 336 -13.32 -12.03 -26.96
N HIS B 337 -12.61 -13.10 -27.29
CA HIS B 337 -12.33 -14.16 -26.34
C HIS B 337 -11.45 -13.69 -25.19
N GLU B 338 -10.33 -13.05 -25.51
CA GLU B 338 -9.40 -12.63 -24.45
C GLU B 338 -10.12 -11.87 -23.36
N TRP B 339 -10.81 -10.81 -23.72
CA TRP B 339 -11.53 -10.00 -22.75
C TRP B 339 -12.65 -10.75 -22.05
N GLU B 340 -13.28 -11.71 -22.73
CA GLU B 340 -14.32 -12.49 -22.07
C GLU B 340 -13.58 -13.33 -21.02
N LEU B 341 -12.42 -13.86 -21.41
CA LEU B 341 -11.62 -14.65 -20.49
C LEU B 341 -11.30 -13.78 -19.27
N LYS B 342 -10.83 -12.56 -19.54
CA LYS B 342 -10.46 -11.62 -18.49
C LYS B 342 -11.62 -11.00 -17.72
N GLY B 343 -12.85 -11.38 -18.04
CA GLY B 343 -13.98 -10.87 -17.31
C GLY B 343 -14.42 -9.42 -17.43
N VAL B 344 -14.04 -8.73 -18.51
CA VAL B 344 -14.47 -7.35 -18.71
C VAL B 344 -15.99 -7.33 -18.90
N PRO B 345 -16.70 -6.50 -18.12
CA PRO B 345 -18.16 -6.35 -18.16
C PRO B 345 -18.77 -6.05 -19.52
N PHE B 346 -18.22 -5.06 -20.22
CA PHE B 346 -18.75 -4.69 -21.52
C PHE B 346 -17.68 -4.53 -22.57
N ARG B 347 -18.07 -4.81 -23.80
CA ARG B 347 -17.19 -4.66 -24.96
C ARG B 347 -17.95 -3.83 -25.97
N VAL B 348 -17.25 -2.88 -26.58
CA VAL B 348 -17.87 -2.05 -27.60
C VAL B 348 -17.15 -2.44 -28.88
N GLU B 349 -17.94 -2.93 -29.84
CA GLU B 349 -17.40 -3.34 -31.14
C GLU B 349 -17.58 -2.14 -32.03
N LEU B 350 -16.49 -1.58 -32.53
CA LEU B 350 -16.60 -0.42 -33.40
C LEU B 350 -16.02 -0.79 -34.76
N GLY B 351 -16.91 -1.02 -35.72
CA GLY B 351 -16.50 -1.38 -37.07
C GLY B 351 -16.87 -0.32 -38.07
N PRO B 352 -16.51 -0.48 -39.35
CA PRO B 352 -16.81 0.49 -40.41
C PRO B 352 -18.30 0.64 -40.70
N LYS B 353 -19.06 -0.45 -40.59
CA LYS B 353 -20.50 -0.39 -40.82
C LYS B 353 -21.06 0.50 -39.71
N ASP B 354 -20.68 0.17 -38.49
CA ASP B 354 -21.13 0.92 -37.32
C ASP B 354 -20.80 2.38 -37.55
N LEU B 355 -19.52 2.64 -37.77
CA LEU B 355 -19.05 3.99 -37.98
C LEU B 355 -19.86 4.65 -39.08
N GLU B 356 -20.20 3.88 -40.12
CA GLU B 356 -20.98 4.40 -41.23
C GLU B 356 -22.35 4.84 -40.72
N GLY B 357 -22.93 4.07 -39.81
CA GLY B 357 -24.24 4.40 -39.26
C GLY B 357 -24.25 5.12 -37.94
N GLY B 358 -23.14 5.80 -37.61
CA GLY B 358 -23.05 6.54 -36.37
C GLY B 358 -23.44 5.73 -35.15
N GLN B 359 -23.18 4.44 -35.19
CA GLN B 359 -23.52 3.57 -34.09
C GLN B 359 -22.35 2.71 -33.68
N ALA B 360 -22.64 1.72 -32.85
CA ALA B 360 -21.63 0.80 -32.33
C ALA B 360 -22.35 -0.36 -31.65
N VAL B 361 -21.64 -1.43 -31.39
CA VAL B 361 -22.26 -2.57 -30.75
C VAL B 361 -21.76 -2.75 -29.32
N LEU B 362 -22.69 -3.01 -28.41
CA LEU B 362 -22.36 -3.22 -27.03
C LEU B 362 -22.66 -4.66 -26.65
N ALA B 363 -21.61 -5.42 -26.35
CA ALA B 363 -21.76 -6.82 -25.99
C ALA B 363 -21.55 -6.97 -24.48
N SER B 364 -22.50 -7.60 -23.81
CA SER B 364 -22.42 -7.78 -22.38
C SER B 364 -21.83 -9.13 -22.04
N ARG B 365 -20.83 -9.13 -21.16
CA ARG B 365 -20.16 -10.36 -20.76
C ARG B 365 -21.17 -11.39 -20.24
N LEU B 366 -22.27 -10.89 -19.70
CA LEU B 366 -23.31 -11.75 -19.17
C LEU B 366 -24.08 -12.41 -20.30
N GLY B 367 -24.18 -11.72 -21.43
CA GLY B 367 -24.87 -12.26 -22.58
C GLY B 367 -25.58 -11.19 -23.40
N GLY B 368 -25.56 -11.33 -24.72
CA GLY B 368 -26.25 -10.36 -25.56
C GLY B 368 -25.43 -9.26 -26.16
N LYS B 369 -25.88 -8.78 -27.32
CA LYS B 369 -25.25 -7.68 -28.04
C LYS B 369 -26.38 -6.75 -28.41
N GLU B 370 -26.09 -5.47 -28.55
CA GLU B 370 -27.10 -4.50 -28.91
C GLU B 370 -26.45 -3.32 -29.61
N THR B 371 -27.15 -2.74 -30.56
CA THR B 371 -26.62 -1.60 -31.29
C THR B 371 -27.19 -0.34 -30.70
N LEU B 372 -26.37 0.71 -30.61
CA LEU B 372 -26.78 2.00 -30.07
C LEU B 372 -25.95 3.02 -30.81
N PRO B 373 -26.38 4.29 -30.78
CA PRO B 373 -25.60 5.32 -31.48
C PRO B 373 -24.36 5.65 -30.64
N LEU B 374 -23.31 6.14 -31.28
CA LEU B 374 -22.09 6.46 -30.56
C LEU B 374 -22.28 7.54 -29.50
N ALA B 375 -22.99 8.60 -29.87
CA ALA B 375 -23.20 9.72 -28.94
C ALA B 375 -23.93 9.32 -27.66
N ALA B 376 -24.87 8.38 -27.80
CA ALA B 376 -25.63 7.92 -26.66
C ALA B 376 -24.82 7.04 -25.69
N LEU B 377 -23.87 6.31 -26.25
CA LEU B 377 -23.06 5.38 -25.47
C LEU B 377 -22.49 5.87 -24.14
N PRO B 378 -21.77 7.00 -24.14
CA PRO B 378 -21.21 7.49 -22.87
C PRO B 378 -22.23 7.61 -21.74
N GLU B 379 -23.29 8.38 -21.98
CA GLU B 379 -24.34 8.58 -20.98
C GLU B 379 -25.00 7.28 -20.56
N ALA B 380 -25.12 6.35 -21.50
CA ALA B 380 -25.78 5.08 -21.23
C ALA B 380 -24.99 3.99 -20.52
N LEU B 381 -23.66 4.04 -20.58
CA LEU B 381 -22.89 2.96 -19.95
C LEU B 381 -22.98 2.85 -18.42
N PRO B 382 -22.88 3.99 -17.72
CA PRO B 382 -22.97 3.89 -16.25
C PRO B 382 -24.19 3.08 -15.80
N GLY B 383 -25.37 3.49 -16.26
CA GLY B 383 -26.57 2.77 -15.89
C GLY B 383 -26.51 1.30 -16.24
N LYS B 384 -25.98 1.00 -17.42
CA LYS B 384 -25.87 -0.38 -17.88
C LYS B 384 -24.92 -1.13 -16.98
N LEU B 385 -23.88 -0.43 -16.56
CA LEU B 385 -22.90 -1.03 -15.66
C LEU B 385 -23.60 -1.42 -14.37
N ASP B 386 -24.45 -0.52 -13.87
CA ASP B 386 -25.22 -0.78 -12.64
C ASP B 386 -26.14 -1.97 -12.82
N ALA B 387 -26.93 -1.93 -13.89
CA ALA B 387 -27.84 -3.03 -14.17
C ALA B 387 -27.01 -4.30 -14.19
N PHE B 388 -25.81 -4.21 -14.76
CA PHE B 388 -24.92 -5.36 -14.85
C PHE B 388 -24.66 -5.88 -13.43
N HIS B 389 -24.27 -4.97 -12.54
CA HIS B 389 -23.98 -5.30 -11.15
C HIS B 389 -25.16 -6.03 -10.51
N GLU B 390 -26.33 -5.41 -10.63
CA GLU B 390 -27.55 -5.95 -10.08
C GLU B 390 -27.77 -7.40 -10.52
N GLU B 391 -27.65 -7.64 -11.82
CA GLU B 391 -27.84 -8.99 -12.35
C GLU B 391 -26.91 -10.00 -11.68
N LEU B 392 -25.62 -9.71 -11.74
CA LEU B 392 -24.60 -10.56 -11.14
C LEU B 392 -25.01 -10.99 -9.74
N TYR B 393 -25.42 -10.01 -8.95
CA TYR B 393 -25.82 -10.26 -7.57
C TYR B 393 -27.06 -11.13 -7.48
N ARG B 394 -28.09 -10.80 -8.27
CA ARG B 394 -29.30 -11.59 -8.19
C ARG B 394 -29.04 -13.04 -8.57
N ARG B 395 -28.16 -13.27 -9.54
CA ARG B 395 -27.86 -14.63 -9.96
C ARG B 395 -27.12 -15.38 -8.87
N ALA B 396 -26.25 -14.68 -8.16
CA ALA B 396 -25.47 -15.31 -7.10
C ALA B 396 -26.44 -15.68 -6.00
N LEU B 397 -27.38 -14.78 -5.73
CA LEU B 397 -28.37 -15.01 -4.69
C LEU B 397 -29.11 -16.28 -5.05
N ALA B 398 -29.70 -16.27 -6.24
CA ALA B 398 -30.41 -17.43 -6.72
C ALA B 398 -29.55 -18.66 -6.43
N PHE B 399 -28.33 -18.68 -6.93
CA PHE B 399 -27.45 -19.81 -6.69
C PHE B 399 -27.37 -20.23 -5.22
N ARG B 400 -27.24 -19.25 -4.33
CA ARG B 400 -27.13 -19.56 -2.90
C ARG B 400 -28.38 -20.24 -2.37
N GLU B 401 -29.54 -19.61 -2.54
CA GLU B 401 -30.78 -20.20 -2.07
C GLU B 401 -30.91 -21.61 -2.64
N ASP B 402 -30.70 -21.71 -3.94
CA ASP B 402 -30.78 -22.96 -4.66
C ASP B 402 -29.82 -24.01 -4.10
N HIS B 403 -28.90 -23.61 -3.24
CA HIS B 403 -27.92 -24.52 -2.67
C HIS B 403 -27.81 -24.51 -1.16
N THR B 404 -28.78 -23.91 -0.50
CA THR B 404 -28.82 -23.87 0.96
C THR B 404 -29.97 -24.80 1.32
N ARG B 405 -29.79 -25.60 2.36
CA ARG B 405 -30.84 -26.55 2.71
C ARG B 405 -30.89 -26.90 4.19
N LYS B 406 -32.11 -27.07 4.70
CA LYS B 406 -32.33 -27.44 6.09
C LYS B 406 -32.25 -28.96 6.23
N VAL B 407 -31.32 -29.44 7.04
CA VAL B 407 -31.21 -30.88 7.24
C VAL B 407 -31.60 -31.22 8.66
N ASP B 408 -32.43 -32.26 8.80
CA ASP B 408 -32.89 -32.71 10.10
C ASP B 408 -32.28 -34.06 10.41
N THR B 409 -32.24 -34.93 9.41
CA THR B 409 -31.65 -36.24 9.58
C THR B 409 -30.23 -36.18 9.04
N TYR B 410 -29.27 -36.64 9.86
CA TYR B 410 -27.86 -36.65 9.49
C TYR B 410 -27.62 -37.18 8.08
N GLU B 411 -28.55 -37.98 7.57
CA GLU B 411 -28.44 -38.54 6.23
C GLU B 411 -28.75 -37.45 5.21
N ALA B 412 -29.66 -36.55 5.58
CA ALA B 412 -30.04 -35.43 4.73
C ALA B 412 -28.84 -34.48 4.72
N PHE B 413 -28.26 -34.29 5.90
CA PHE B 413 -27.09 -33.43 6.09
C PHE B 413 -25.96 -33.87 5.17
N LYS B 414 -25.58 -35.14 5.24
CA LYS B 414 -24.49 -35.66 4.39
C LYS B 414 -24.72 -35.35 2.91
N GLU B 415 -25.98 -35.33 2.51
CA GLU B 415 -26.33 -35.05 1.11
C GLU B 415 -26.19 -33.56 0.80
N ALA B 416 -26.75 -32.72 1.67
CA ALA B 416 -26.71 -31.28 1.48
C ALA B 416 -25.31 -30.66 1.54
N VAL B 417 -24.39 -31.28 2.26
CA VAL B 417 -23.04 -30.73 2.35
C VAL B 417 -22.18 -31.18 1.18
N GLN B 418 -22.84 -31.68 0.14
CA GLN B 418 -22.16 -32.13 -1.06
C GLN B 418 -22.55 -31.12 -2.13
N GLU B 419 -23.65 -30.43 -1.85
CA GLU B 419 -24.21 -29.43 -2.74
C GLU B 419 -23.86 -28.01 -2.30
N GLY B 420 -23.88 -27.77 -1.00
CA GLY B 420 -23.55 -26.44 -0.51
C GLY B 420 -23.77 -26.26 0.98
N PHE B 421 -24.66 -25.34 1.33
CA PHE B 421 -24.97 -25.05 2.72
C PHE B 421 -25.94 -26.03 3.34
N ALA B 422 -25.67 -26.41 4.59
CA ALA B 422 -26.53 -27.32 5.35
C ALA B 422 -26.95 -26.59 6.62
N LEU B 423 -28.25 -26.36 6.77
CA LEU B 423 -28.77 -25.67 7.95
C LEU B 423 -29.26 -26.67 8.99
N ALA B 424 -28.33 -27.18 9.79
CA ALA B 424 -28.62 -28.17 10.81
C ALA B 424 -28.56 -27.62 12.23
N PHE B 425 -28.87 -28.49 13.20
CA PHE B 425 -28.82 -28.16 14.63
C PHE B 425 -27.54 -28.79 15.17
N HIS B 426 -27.01 -28.26 16.26
CA HIS B 426 -25.81 -28.84 16.85
C HIS B 426 -25.81 -28.68 18.36
N CYS B 427 -25.19 -29.65 19.03
CA CYS B 427 -25.09 -29.65 20.49
C CYS B 427 -24.17 -28.56 21.03
N GLY B 428 -23.32 -28.00 20.18
CA GLY B 428 -22.41 -26.97 20.62
C GLY B 428 -21.26 -27.60 21.37
N ASP B 429 -20.90 -28.80 20.93
CA ASP B 429 -19.83 -29.58 21.54
C ASP B 429 -18.69 -29.77 20.56
N LYS B 430 -17.51 -29.27 20.90
CA LYS B 430 -16.33 -29.38 20.05
C LYS B 430 -16.11 -30.82 19.60
N ALA B 431 -16.19 -31.75 20.54
CA ALA B 431 -16.00 -33.16 20.24
C ALA B 431 -16.92 -33.61 19.12
N CYS B 432 -18.18 -33.16 19.15
CA CYS B 432 -19.14 -33.53 18.12
C CYS B 432 -18.77 -32.83 16.83
N GLU B 433 -18.52 -31.54 16.91
CA GLU B 433 -18.14 -30.74 15.76
C GLU B 433 -16.96 -31.43 15.06
N ARG B 434 -15.91 -31.72 15.84
CA ARG B 434 -14.71 -32.38 15.31
C ARG B 434 -15.04 -33.70 14.60
N LEU B 435 -16.00 -34.43 15.12
CA LEU B 435 -16.41 -35.72 14.54
C LEU B 435 -17.08 -35.54 13.18
N ILE B 436 -18.04 -34.61 13.11
CA ILE B 436 -18.77 -34.34 11.87
C ILE B 436 -17.79 -33.99 10.74
N GLN B 437 -16.65 -33.41 11.11
CA GLN B 437 -15.63 -33.03 10.13
C GLN B 437 -14.75 -34.20 9.71
N GLU B 438 -14.45 -35.09 10.65
CA GLU B 438 -13.65 -36.27 10.35
C GLU B 438 -14.50 -37.17 9.45
N GLU B 439 -15.81 -37.12 9.68
CA GLU B 439 -16.78 -37.91 8.92
C GLU B 439 -17.11 -37.31 7.54
N THR B 440 -17.90 -36.24 7.54
CA THR B 440 -18.32 -35.60 6.28
C THR B 440 -17.39 -34.48 5.80
N THR B 441 -16.36 -34.18 6.56
CA THR B 441 -15.39 -33.12 6.26
C THR B 441 -16.03 -31.74 6.34
N ALA B 442 -17.36 -31.69 6.40
CA ALA B 442 -18.06 -30.42 6.50
C ALA B 442 -17.70 -29.77 7.82
N THR B 443 -17.87 -28.45 7.90
CA THR B 443 -17.53 -27.73 9.13
C THR B 443 -18.56 -26.65 9.46
N THR B 444 -18.35 -25.99 10.60
CA THR B 444 -19.26 -24.95 11.01
C THR B 444 -18.83 -23.66 10.33
N ARG B 445 -19.76 -23.01 9.65
CA ARG B 445 -19.44 -21.77 8.95
C ARG B 445 -19.76 -20.63 9.89
N CYS B 446 -20.96 -20.67 10.47
CA CYS B 446 -21.34 -19.64 11.42
C CYS B 446 -22.74 -19.85 11.96
N VAL B 447 -23.03 -19.15 13.05
CA VAL B 447 -24.34 -19.19 13.66
C VAL B 447 -24.93 -17.87 13.24
N PRO B 448 -25.58 -17.85 12.06
CA PRO B 448 -26.20 -16.66 11.48
C PRO B 448 -26.93 -15.81 12.49
N PHE B 449 -26.80 -14.49 12.35
CA PHE B 449 -27.43 -13.56 13.25
C PHE B 449 -28.94 -13.44 13.06
N GLU B 450 -29.37 -13.16 11.83
CA GLU B 450 -30.81 -13.01 11.57
C GLU B 450 -31.50 -14.36 11.34
N ALA B 451 -30.80 -15.45 11.63
CA ALA B 451 -31.34 -16.79 11.48
C ALA B 451 -32.55 -17.00 12.41
N GLU B 452 -33.59 -17.65 11.90
CA GLU B 452 -34.81 -17.90 12.66
C GLU B 452 -34.58 -18.76 13.90
N PRO B 453 -35.26 -18.42 15.01
CA PRO B 453 -35.15 -19.14 16.29
C PRO B 453 -35.75 -20.54 16.19
N GLU B 454 -34.92 -21.53 16.52
CA GLU B 454 -35.32 -22.94 16.47
C GLU B 454 -34.64 -23.69 17.61
N GLU B 455 -35.32 -24.70 18.12
CA GLU B 455 -34.78 -25.52 19.21
C GLU B 455 -35.04 -26.96 18.78
N GLY B 456 -34.01 -27.80 18.85
CA GLY B 456 -34.18 -29.17 18.45
C GLY B 456 -33.13 -30.07 19.06
N PHE B 457 -32.60 -30.98 18.26
CA PHE B 457 -31.58 -31.89 18.74
C PHE B 457 -30.45 -31.98 17.73
N CYS B 458 -29.22 -32.08 18.24
CA CYS B 458 -28.06 -32.15 17.39
C CYS B 458 -28.13 -33.27 16.35
N VAL B 459 -28.06 -32.85 15.09
CA VAL B 459 -28.12 -33.74 13.94
C VAL B 459 -27.24 -34.99 14.00
N ARG B 460 -26.10 -34.94 14.71
CA ARG B 460 -25.26 -36.13 14.75
C ARG B 460 -25.19 -36.91 16.05
N CYS B 461 -25.44 -36.24 17.17
CA CYS B 461 -25.40 -36.95 18.44
C CYS B 461 -26.77 -36.94 19.14
N GLY B 462 -27.66 -36.06 18.70
CA GLY B 462 -29.00 -36.00 19.28
C GLY B 462 -29.20 -35.18 20.54
N ARG B 463 -28.13 -34.78 21.19
CA ARG B 463 -28.26 -33.99 22.41
C ARG B 463 -28.89 -32.64 22.10
N PRO B 464 -29.67 -32.09 23.05
CA PRO B 464 -30.36 -30.81 22.92
C PRO B 464 -29.63 -29.76 22.07
N SER B 465 -30.38 -29.11 21.18
CA SER B 465 -29.84 -28.11 20.28
C SER B 465 -29.20 -26.95 21.00
N ALA B 466 -28.07 -26.49 20.47
CA ALA B 466 -27.35 -25.36 21.03
C ALA B 466 -27.60 -24.16 20.11
N TYR B 467 -27.26 -22.97 20.60
CA TYR B 467 -27.41 -21.72 19.84
C TYR B 467 -28.83 -21.26 19.60
N GLY B 468 -29.81 -22.07 19.99
CA GLY B 468 -31.21 -21.69 19.79
C GLY B 468 -31.54 -21.26 18.37
N LYS B 469 -30.91 -21.93 17.40
CA LYS B 469 -31.11 -21.66 15.99
C LYS B 469 -30.18 -22.58 15.23
N ARG B 470 -30.51 -22.86 13.97
CA ARG B 470 -29.69 -23.73 13.17
C ARG B 470 -28.35 -23.10 12.78
N VAL B 471 -27.32 -23.93 12.84
CA VAL B 471 -25.97 -23.53 12.51
C VAL B 471 -25.71 -23.81 11.04
N VAL B 472 -25.05 -22.88 10.37
CA VAL B 472 -24.73 -23.04 8.96
C VAL B 472 -23.49 -23.94 8.85
N PHE B 473 -23.65 -25.07 8.16
CA PHE B 473 -22.54 -26.01 7.94
C PHE B 473 -22.22 -26.03 6.46
N ALA B 474 -21.03 -26.53 6.13
CA ALA B 474 -20.60 -26.62 4.74
C ALA B 474 -19.15 -27.05 4.64
N LYS B 475 -18.77 -27.60 3.48
CA LYS B 475 -17.37 -27.96 3.27
C LYS B 475 -16.81 -26.60 2.87
N ALA B 476 -15.74 -26.17 3.52
CA ALA B 476 -15.20 -24.86 3.20
C ALA B 476 -13.79 -24.86 2.68
N TYR B 477 -13.40 -23.70 2.13
CA TYR B 477 -12.08 -23.50 1.59
C TYR B 477 -11.14 -23.09 2.72
#